data_4QRJ
#
_entry.id   4QRJ
#
_cell.length_a   40.554
_cell.length_b   52.185
_cell.length_c   78.880
_cell.angle_alpha   95.220
_cell.angle_beta   90.540
_cell.angle_gamma   94.370
#
_symmetry.space_group_name_H-M   'P 1'
#
loop_
_entity.id
_entity.type
_entity.pdbx_description
1 polymer 'putative 6-phosphogluconolactonase'
2 non-polymer 'ACETATE ION'
3 non-polymer DI(HYDROXYETHYL)ETHER
4 water water
#
_entity_poly.entity_id   1
_entity_poly.type   'polypeptide(L)'
_entity_poly.pdbx_seq_one_letter_code
;GNGDQDELA(MSE)LIGTYTNGSSKGIYTFRFNQETGTAVPLSSAALPNPSYLVPSEDGEFVYAVSE(MSE)NDSTAALS
SLAFDRETGELRLLNTVPTFGADPCYVATNGREVLTANYSGGT(MSE)SVFPLQKDGTLAPADTLFQGSATGPDAIRQAT
PHIHCTVFSPDGKYIFATDFSADRILRFV(MSE)HPDNPIPHASLEAVGIEADSGPRHLTFSPNGKFAYLITELSGKVIA
FSYDDGCLEQIQTITADTVAARGSADIHLSPDGKYLYASNRLKEDGIAIFAVNPENGTLAKVGYQPTGIHPRNFNITPNG
KYLLAACRDSNVIQVYKRNEVTGLLEDTHQDIVVD(MSE)PVCVQFVSSVNNL
;
_entity_poly.pdbx_strand_id   A,B
#
# COMPACT_ATOMS: atom_id res chain seq x y z
N ASP A 4 -1.54 -15.02 -34.71
CA ASP A 4 -2.98 -15.21 -34.55
C ASP A 4 -3.35 -15.56 -33.11
N GLN A 5 -2.46 -16.29 -32.40
CA GLN A 5 -2.65 -16.69 -30.99
C GLN A 5 -2.69 -15.45 -30.08
N ASP A 6 -1.85 -14.45 -30.40
CA ASP A 6 -1.73 -13.21 -29.64
C ASP A 6 -2.55 -12.07 -30.30
N GLU A 7 -3.36 -12.43 -31.31
CA GLU A 7 -4.30 -11.52 -31.98
C GLU A 7 -5.66 -11.79 -31.34
N LEU A 8 -6.17 -10.84 -30.53
CA LEU A 8 -7.44 -10.99 -29.82
C LEU A 8 -8.58 -10.15 -30.40
N ALA A 9 -9.83 -10.54 -30.09
CA ALA A 9 -11.00 -9.75 -30.46
C ALA A 9 -11.28 -8.78 -29.29
N LEU A 11 -13.65 -5.56 -27.72
CA LEU A 11 -14.96 -4.89 -27.79
C LEU A 11 -14.93 -3.65 -26.96
N ILE A 12 -15.29 -2.51 -27.58
CA ILE A 12 -15.28 -1.24 -26.89
C ILE A 12 -16.72 -0.73 -26.74
N GLY A 13 -17.11 -0.49 -25.50
CA GLY A 13 -18.39 0.08 -25.13
C GLY A 13 -18.24 1.58 -25.02
N THR A 14 -19.32 2.32 -25.30
CA THR A 14 -19.28 3.80 -25.32
C THR A 14 -20.57 4.43 -24.80
N TYR A 15 -20.55 5.78 -24.68
CA TYR A 15 -21.68 6.69 -24.52
C TYR A 15 -21.90 7.23 -25.92
N THR A 16 -23.15 7.23 -26.39
CA THR A 16 -23.52 7.55 -27.77
C THR A 16 -24.11 8.96 -27.95
N ASN A 17 -23.98 9.86 -26.95
CA ASN A 17 -24.48 11.24 -27.06
C ASN A 17 -23.61 12.06 -28.03
N GLY A 18 -22.36 11.64 -28.21
CA GLY A 18 -21.43 12.25 -29.16
C GLY A 18 -21.54 11.59 -30.52
N SER A 19 -20.40 11.41 -31.22
CA SER A 19 -20.37 10.82 -32.56
C SER A 19 -20.40 9.26 -32.55
N SER A 20 -20.22 8.63 -31.38
CA SER A 20 -20.24 7.16 -31.27
C SER A 20 -21.64 6.59 -31.54
N LYS A 21 -21.72 5.44 -32.26
CA LYS A 21 -23.02 4.83 -32.59
C LYS A 21 -23.33 3.57 -31.72
N GLY A 22 -22.35 3.11 -30.95
CA GLY A 22 -22.54 1.95 -30.09
C GLY A 22 -21.27 1.23 -29.73
N ILE A 23 -21.21 -0.08 -30.05
CA ILE A 23 -20.08 -0.96 -29.76
C ILE A 23 -19.13 -1.00 -30.95
N TYR A 24 -17.82 -0.85 -30.70
CA TYR A 24 -16.80 -0.91 -31.74
C TYR A 24 -15.91 -2.12 -31.53
N THR A 25 -15.70 -2.93 -32.60
CA THR A 25 -14.87 -4.14 -32.51
C THR A 25 -13.53 -3.95 -33.22
N PHE A 26 -12.49 -4.54 -32.62
CA PHE A 26 -11.13 -4.46 -33.09
C PHE A 26 -10.39 -5.77 -32.96
N ARG A 27 -9.28 -5.88 -33.71
CA ARG A 27 -8.34 -6.99 -33.62
CA ARG A 27 -8.35 -6.99 -33.62
C ARG A 27 -7.13 -6.42 -32.89
N PHE A 28 -6.91 -6.84 -31.64
CA PHE A 28 -5.81 -6.32 -30.83
C PHE A 28 -4.71 -7.37 -30.66
N ASN A 29 -3.46 -6.96 -30.90
CA ASN A 29 -2.29 -7.83 -30.77
C ASN A 29 -1.71 -7.66 -29.37
N GLN A 30 -1.75 -8.73 -28.54
CA GLN A 30 -1.29 -8.65 -27.15
C GLN A 30 0.23 -8.84 -27.03
N GLU A 31 0.96 -8.88 -28.18
CA GLU A 31 2.42 -8.93 -28.20
C GLU A 31 2.97 -7.54 -28.60
N THR A 32 2.42 -6.95 -29.69
CA THR A 32 2.84 -5.66 -30.23
C THR A 32 2.03 -4.49 -29.66
N GLY A 33 0.82 -4.77 -29.17
CA GLY A 33 -0.05 -3.71 -28.64
C GLY A 33 -0.62 -2.86 -29.75
N THR A 34 -0.80 -3.49 -30.93
CA THR A 34 -1.32 -2.83 -32.11
C THR A 34 -2.80 -3.23 -32.26
N ALA A 35 -3.63 -2.32 -32.78
CA ALA A 35 -5.07 -2.55 -32.96
C ALA A 35 -5.51 -2.24 -34.39
N VAL A 36 -6.46 -3.05 -34.89
CA VAL A 36 -7.03 -2.90 -36.23
C VAL A 36 -8.56 -2.80 -36.07
N PRO A 37 -9.23 -1.75 -36.62
CA PRO A 37 -10.71 -1.70 -36.53
C PRO A 37 -11.36 -2.79 -37.37
N LEU A 38 -12.42 -3.45 -36.84
CA LEU A 38 -13.10 -4.53 -37.57
C LEU A 38 -14.51 -4.12 -37.96
N SER A 39 -15.43 -4.01 -36.98
CA SER A 39 -16.82 -3.64 -37.24
C SER A 39 -17.41 -2.85 -36.08
N SER A 40 -18.73 -2.66 -36.10
CA SER A 40 -19.47 -1.92 -35.10
C SER A 40 -20.94 -2.30 -35.10
N ALA A 41 -21.59 -2.17 -33.94
CA ALA A 41 -23.02 -2.43 -33.79
C ALA A 41 -23.66 -1.18 -33.22
N ALA A 42 -24.70 -0.67 -33.89
CA ALA A 42 -25.42 0.52 -33.43
C ALA A 42 -26.30 0.12 -32.24
N LEU A 43 -26.04 0.74 -31.08
CA LEU A 43 -26.78 0.49 -29.84
C LEU A 43 -26.66 1.72 -28.91
N PRO A 44 -27.78 2.28 -28.36
CA PRO A 44 -27.65 3.46 -27.48
C PRO A 44 -26.96 3.14 -26.15
N ASN A 45 -26.02 4.04 -25.75
CA ASN A 45 -25.20 4.03 -24.52
C ASN A 45 -24.83 2.61 -24.04
N PRO A 46 -24.08 1.79 -24.85
CA PRO A 46 -23.68 0.47 -24.34
C PRO A 46 -22.43 0.67 -23.50
N SER A 47 -22.60 1.36 -22.36
CA SER A 47 -21.56 1.77 -21.44
C SER A 47 -20.82 0.58 -20.82
N TYR A 48 -21.48 -0.56 -20.76
CA TYR A 48 -20.84 -1.76 -20.23
C TYR A 48 -21.36 -2.96 -21.00
N LEU A 49 -20.45 -3.86 -21.36
CA LEU A 49 -20.79 -5.05 -22.12
C LEU A 49 -19.95 -6.20 -21.63
N VAL A 50 -20.38 -7.44 -21.89
CA VAL A 50 -19.65 -8.62 -21.45
C VAL A 50 -19.79 -9.72 -22.51
N PRO A 51 -18.69 -10.40 -22.91
CA PRO A 51 -18.85 -11.52 -23.85
C PRO A 51 -19.16 -12.81 -23.07
N SER A 52 -19.81 -13.78 -23.70
CA SER A 52 -20.00 -15.09 -23.05
C SER A 52 -18.63 -15.82 -22.96
N GLU A 53 -18.50 -16.81 -22.05
CA GLU A 53 -17.29 -17.60 -21.84
C GLU A 53 -16.77 -18.21 -23.17
N ASP A 54 -17.66 -18.68 -24.08
CA ASP A 54 -17.25 -19.24 -25.38
C ASP A 54 -17.01 -18.15 -26.46
N GLY A 55 -17.19 -16.88 -26.10
CA GLY A 55 -17.00 -15.73 -27.00
C GLY A 55 -17.96 -15.59 -28.16
N GLU A 56 -19.05 -16.37 -28.16
CA GLU A 56 -20.04 -16.36 -29.24
C GLU A 56 -21.15 -15.32 -29.00
N PHE A 57 -21.34 -14.89 -27.73
CA PHE A 57 -22.40 -13.93 -27.41
C PHE A 57 -21.86 -12.76 -26.66
N VAL A 58 -22.52 -11.61 -26.83
CA VAL A 58 -22.21 -10.36 -26.14
C VAL A 58 -23.50 -9.83 -25.51
N TYR A 59 -23.43 -9.44 -24.23
CA TYR A 59 -24.55 -8.87 -23.49
C TYR A 59 -24.18 -7.44 -23.13
N ALA A 60 -24.90 -6.46 -23.71
CA ALA A 60 -24.60 -5.04 -23.53
C ALA A 60 -25.80 -4.28 -23.00
N VAL A 61 -25.54 -3.39 -22.03
CA VAL A 61 -26.60 -2.54 -21.46
C VAL A 61 -26.89 -1.40 -22.43
N SER A 62 -28.03 -0.71 -22.24
CA SER A 62 -28.36 0.55 -22.86
C SER A 62 -28.64 1.45 -21.70
N GLU A 63 -27.60 2.17 -21.27
CA GLU A 63 -27.66 3.02 -20.10
C GLU A 63 -28.52 4.27 -20.37
N ASN A 65 -31.67 6.77 -18.61
N ASN A 65 -31.64 6.77 -18.59
CA ASN A 65 -32.18 7.24 -17.32
CA ASN A 65 -32.20 7.15 -17.29
C ASN A 65 -33.72 7.24 -17.29
C ASN A 65 -33.71 7.30 -17.41
N ASP A 66 -34.35 6.27 -17.98
CA ASP A 66 -35.80 6.18 -18.10
C ASP A 66 -36.21 4.74 -18.38
N SER A 67 -37.48 4.55 -18.76
CA SER A 67 -38.15 3.29 -19.04
C SER A 67 -37.58 2.53 -20.24
N THR A 68 -36.76 3.20 -21.08
CA THR A 68 -36.13 2.58 -22.26
C THR A 68 -34.83 1.83 -21.84
N ALA A 69 -34.39 1.97 -20.55
CA ALA A 69 -33.21 1.29 -19.99
C ALA A 69 -33.31 -0.21 -20.32
N ALA A 70 -32.27 -0.76 -20.95
CA ALA A 70 -32.38 -2.13 -21.40
C ALA A 70 -31.08 -2.90 -21.39
N LEU A 71 -31.21 -4.18 -21.69
CA LEU A 71 -30.13 -5.12 -21.87
C LEU A 71 -30.34 -5.82 -23.20
N SER A 72 -29.30 -5.84 -24.04
CA SER A 72 -29.39 -6.51 -25.35
C SER A 72 -28.44 -7.71 -25.44
N SER A 73 -28.86 -8.76 -26.17
CA SER A 73 -28.03 -9.92 -26.45
C SER A 73 -27.57 -9.80 -27.91
N LEU A 74 -26.29 -10.11 -28.19
CA LEU A 74 -25.78 -10.02 -29.54
C LEU A 74 -24.97 -11.23 -29.91
N ALA A 75 -25.06 -11.66 -31.16
CA ALA A 75 -24.22 -12.75 -31.64
C ALA A 75 -22.89 -12.12 -32.08
N PHE A 76 -21.76 -12.73 -31.72
CA PHE A 76 -20.45 -12.21 -32.08
C PHE A 76 -19.68 -13.20 -32.96
N ASP A 77 -19.18 -12.70 -34.09
CA ASP A 77 -18.35 -13.40 -35.06
C ASP A 77 -16.88 -13.04 -34.76
N ARG A 78 -16.19 -13.88 -33.95
CA ARG A 78 -14.80 -13.70 -33.51
C ARG A 78 -13.78 -13.45 -34.64
N GLU A 79 -13.98 -14.06 -35.84
CA GLU A 79 -13.04 -13.93 -36.95
C GLU A 79 -13.25 -12.66 -37.80
N THR A 80 -14.49 -12.18 -37.97
CA THR A 80 -14.73 -10.97 -38.77
C THR A 80 -14.95 -9.75 -37.86
N GLY A 81 -15.10 -9.99 -36.57
CA GLY A 81 -15.37 -8.96 -35.56
C GLY A 81 -16.74 -8.34 -35.73
N GLU A 82 -17.62 -9.02 -36.46
CA GLU A 82 -18.97 -8.54 -36.68
C GLU A 82 -19.90 -8.95 -35.56
N LEU A 83 -20.83 -8.05 -35.22
CA LEU A 83 -21.88 -8.21 -34.21
C LEU A 83 -23.25 -8.14 -34.83
N ARG A 84 -24.15 -9.01 -34.33
CA ARG A 84 -25.53 -9.12 -34.81
CA ARG A 84 -25.54 -9.06 -34.80
C ARG A 84 -26.48 -9.01 -33.61
N LEU A 85 -27.37 -7.99 -33.59
CA LEU A 85 -28.35 -7.80 -32.51
C LEU A 85 -29.36 -8.94 -32.54
N LEU A 86 -29.58 -9.63 -31.40
CA LEU A 86 -30.52 -10.75 -31.33
C LEU A 86 -31.83 -10.30 -30.66
N ASN A 87 -31.76 -9.77 -29.42
CA ASN A 87 -32.96 -9.29 -28.73
C ASN A 87 -32.57 -8.28 -27.66
N THR A 88 -33.53 -7.43 -27.28
CA THR A 88 -33.43 -6.38 -26.29
C THR A 88 -34.60 -6.54 -25.32
N VAL A 89 -34.30 -6.50 -24.03
CA VAL A 89 -35.33 -6.66 -23.00
C VAL A 89 -35.18 -5.54 -21.98
N PRO A 90 -36.28 -4.98 -21.41
CA PRO A 90 -36.10 -3.90 -20.42
C PRO A 90 -35.46 -4.41 -19.14
N THR A 91 -34.70 -3.54 -18.45
CA THR A 91 -34.08 -3.89 -17.18
C THR A 91 -35.09 -3.67 -16.05
N PHE A 92 -36.07 -2.75 -16.26
CA PHE A 92 -37.07 -2.25 -15.27
C PHE A 92 -36.35 -1.42 -14.18
N GLY A 93 -35.14 -0.94 -14.51
CA GLY A 93 -34.29 -0.14 -13.64
C GLY A 93 -33.43 0.78 -14.48
N ALA A 94 -33.52 2.09 -14.21
CA ALA A 94 -32.79 3.09 -14.96
C ALA A 94 -31.28 2.99 -14.73
N ASP A 95 -30.57 3.43 -15.75
CA ASP A 95 -29.12 3.49 -15.85
C ASP A 95 -28.43 2.15 -15.54
N PRO A 96 -28.74 1.06 -16.31
CA PRO A 96 -27.93 -0.18 -16.15
C PRO A 96 -26.48 0.18 -16.53
N CYS A 97 -25.52 -0.02 -15.62
CA CYS A 97 -24.12 0.45 -15.80
C CYS A 97 -23.07 -0.70 -15.71
N TYR A 98 -23.55 -1.91 -15.49
CA TYR A 98 -22.68 -3.08 -15.32
C TYR A 98 -23.45 -4.30 -15.68
N VAL A 99 -22.78 -5.28 -16.27
CA VAL A 99 -23.40 -6.51 -16.70
C VAL A 99 -22.42 -7.67 -16.48
N ALA A 100 -22.93 -8.80 -16.00
CA ALA A 100 -22.14 -10.02 -15.79
C ALA A 100 -22.96 -11.26 -16.23
N THR A 101 -22.26 -12.31 -16.66
CA THR A 101 -22.92 -13.54 -17.07
C THR A 101 -22.11 -14.77 -16.60
N ASN A 102 -22.80 -15.85 -16.26
CA ASN A 102 -22.20 -17.14 -15.88
C ASN A 102 -22.67 -18.22 -16.90
N GLY A 103 -23.29 -17.78 -18.00
CA GLY A 103 -23.78 -18.67 -19.05
C GLY A 103 -25.17 -19.24 -18.82
N ARG A 104 -25.76 -19.09 -17.62
CA ARG A 104 -27.12 -19.57 -17.31
C ARG A 104 -28.02 -18.36 -17.16
N GLU A 105 -27.50 -17.28 -16.56
CA GLU A 105 -28.21 -16.01 -16.36
C GLU A 105 -27.28 -14.84 -16.63
N VAL A 106 -27.89 -13.66 -16.79
CA VAL A 106 -27.21 -12.38 -17.01
C VAL A 106 -27.73 -11.42 -15.94
N LEU A 107 -26.82 -10.64 -15.38
CA LEU A 107 -27.11 -9.65 -14.34
C LEU A 107 -26.83 -8.25 -14.80
N THR A 108 -27.63 -7.28 -14.35
CA THR A 108 -27.34 -5.88 -14.57
C THR A 108 -27.39 -5.12 -13.25
N ALA A 109 -26.47 -4.13 -13.10
CA ALA A 109 -26.45 -3.20 -11.99
C ALA A 109 -27.15 -1.95 -12.48
N ASN A 110 -28.31 -1.66 -11.93
CA ASN A 110 -29.08 -0.48 -12.37
C ASN A 110 -28.77 0.66 -11.41
N TYR A 111 -27.91 1.59 -11.82
CA TYR A 111 -27.47 2.68 -10.97
C TYR A 111 -28.64 3.54 -10.50
N SER A 112 -29.40 4.11 -11.44
CA SER A 112 -30.51 4.98 -11.08
C SER A 112 -31.70 4.19 -10.57
N GLY A 113 -31.91 2.98 -11.07
CA GLY A 113 -32.97 2.11 -10.59
C GLY A 113 -32.73 1.69 -9.14
N GLY A 114 -31.45 1.55 -8.77
CA GLY A 114 -31.04 1.11 -7.43
C GLY A 114 -31.33 -0.34 -7.19
N THR A 115 -31.28 -1.10 -8.28
CA THR A 115 -31.62 -2.52 -8.31
C THR A 115 -30.65 -3.35 -9.14
N SER A 117 -31.04 -6.56 -11.78
CA SER A 117 -32.00 -7.34 -12.58
C SER A 117 -31.36 -8.70 -12.93
N VAL A 118 -32.16 -9.76 -12.92
CA VAL A 118 -31.67 -11.11 -13.21
C VAL A 118 -32.41 -11.61 -14.45
N PHE A 119 -31.64 -11.90 -15.50
CA PHE A 119 -32.20 -12.39 -16.75
C PHE A 119 -31.76 -13.83 -17.03
N PRO A 120 -32.69 -14.83 -16.95
CA PRO A 120 -32.32 -16.19 -17.38
C PRO A 120 -31.98 -16.16 -18.88
N LEU A 121 -31.01 -16.96 -19.28
CA LEU A 121 -30.65 -17.02 -20.69
C LEU A 121 -31.48 -18.07 -21.38
N GLN A 122 -31.83 -17.84 -22.66
CA GLN A 122 -32.55 -18.82 -23.49
C GLN A 122 -31.51 -19.73 -24.14
N LYS A 123 -31.93 -20.94 -24.60
CA LYS A 123 -31.05 -21.96 -25.20
C LYS A 123 -30.25 -21.42 -26.40
N ASP A 124 -30.85 -20.48 -27.17
CA ASP A 124 -30.21 -19.87 -28.35
C ASP A 124 -29.25 -18.73 -27.95
N GLY A 125 -29.11 -18.50 -26.65
CA GLY A 125 -28.24 -17.45 -26.12
C GLY A 125 -28.87 -16.08 -25.97
N THR A 126 -30.15 -15.93 -26.41
CA THR A 126 -30.87 -14.66 -26.28
C THR A 126 -31.35 -14.48 -24.82
N LEU A 127 -31.80 -13.28 -24.47
CA LEU A 127 -32.27 -13.01 -23.12
C LEU A 127 -33.76 -13.24 -22.93
N ALA A 128 -34.10 -13.93 -21.85
CA ALA A 128 -35.48 -14.03 -21.41
C ALA A 128 -35.74 -12.69 -20.66
N PRO A 129 -36.99 -12.23 -20.44
CA PRO A 129 -37.16 -10.95 -19.72
C PRO A 129 -36.57 -11.01 -18.28
N ALA A 130 -36.39 -9.84 -17.65
CA ALA A 130 -35.85 -9.80 -16.29
C ALA A 130 -36.88 -10.45 -15.37
N ASP A 131 -36.54 -11.60 -14.84
CA ASP A 131 -37.43 -12.41 -14.01
C ASP A 131 -37.66 -11.76 -12.66
N THR A 132 -36.57 -11.35 -12.01
CA THR A 132 -36.62 -10.74 -10.70
C THR A 132 -35.66 -9.58 -10.67
N LEU A 133 -36.00 -8.56 -9.88
CA LEU A 133 -35.18 -7.41 -9.54
C LEU A 133 -35.00 -7.46 -8.03
N PHE A 134 -33.80 -7.13 -7.55
CA PHE A 134 -33.47 -7.11 -6.11
C PHE A 134 -33.19 -5.68 -5.73
N GLN A 135 -33.80 -5.20 -4.64
CA GLN A 135 -33.75 -3.79 -4.24
C GLN A 135 -32.55 -3.41 -3.33
N GLY A 136 -31.83 -2.38 -3.73
CA GLY A 136 -30.75 -1.79 -2.94
C GLY A 136 -31.31 -0.72 -2.00
N SER A 137 -30.48 -0.16 -1.09
CA SER A 137 -30.91 0.85 -0.11
CA SER A 137 -30.96 0.87 -0.16
C SER A 137 -30.04 2.11 -0.13
N ALA A 138 -30.55 3.21 0.46
CA ALA A 138 -29.93 4.51 0.58
C ALA A 138 -29.85 4.92 2.07
N THR A 139 -28.66 4.80 2.69
CA THR A 139 -28.44 5.15 4.10
C THR A 139 -27.15 5.97 4.28
N GLY A 140 -26.37 6.10 3.21
CA GLY A 140 -25.10 6.81 3.20
C GLY A 140 -25.22 8.29 3.45
N PRO A 141 -24.14 8.95 3.96
CA PRO A 141 -24.23 10.39 4.28
C PRO A 141 -24.06 11.37 3.09
N ASP A 142 -23.65 10.90 1.88
CA ASP A 142 -23.51 11.83 0.74
C ASP A 142 -24.92 12.21 0.25
N ALA A 143 -25.35 13.47 0.48
CA ALA A 143 -26.70 13.93 0.11
C ALA A 143 -26.95 13.94 -1.40
N ILE A 144 -25.89 14.07 -2.22
CA ILE A 144 -26.08 14.11 -3.67
C ILE A 144 -25.93 12.72 -4.23
N ARG A 145 -24.83 12.03 -3.91
CA ARG A 145 -24.53 10.74 -4.50
C ARG A 145 -25.21 9.55 -3.82
N GLN A 146 -25.61 9.65 -2.54
CA GLN A 146 -26.23 8.48 -1.87
C GLN A 146 -27.69 8.78 -1.45
N ALA A 147 -28.37 9.72 -2.17
CA ALA A 147 -29.73 10.18 -1.89
C ALA A 147 -30.77 9.09 -2.14
N THR A 148 -30.58 8.27 -3.20
CA THR A 148 -31.48 7.16 -3.57
C THR A 148 -30.64 5.91 -3.77
N PRO A 149 -31.23 4.67 -3.72
CA PRO A 149 -30.41 3.47 -3.92
C PRO A 149 -29.69 3.43 -5.28
N HIS A 150 -28.44 2.96 -5.29
CA HIS A 150 -27.68 2.80 -6.51
C HIS A 150 -26.97 1.45 -6.47
N ILE A 151 -27.15 0.57 -7.47
CA ILE A 151 -26.38 -0.69 -7.54
C ILE A 151 -25.30 -0.46 -8.61
N HIS A 152 -24.01 -0.64 -8.30
CA HIS A 152 -22.96 -0.29 -9.27
C HIS A 152 -22.18 -1.47 -9.85
N CYS A 153 -22.36 -2.67 -9.30
CA CYS A 153 -21.62 -3.83 -9.74
C CYS A 153 -22.39 -5.04 -9.33
N THR A 154 -22.39 -6.07 -10.17
CA THR A 154 -23.07 -7.36 -9.95
C THR A 154 -22.11 -8.44 -10.45
N VAL A 155 -21.48 -9.20 -9.53
CA VAL A 155 -20.41 -10.16 -9.86
C VAL A 155 -20.75 -11.54 -9.33
N PHE A 156 -20.32 -12.56 -10.04
CA PHE A 156 -20.43 -13.94 -9.63
C PHE A 156 -19.20 -14.32 -8.77
N SER A 157 -19.42 -15.03 -7.66
CA SER A 157 -18.28 -15.50 -6.86
C SER A 157 -17.51 -16.56 -7.66
N PRO A 158 -16.16 -16.68 -7.51
CA PRO A 158 -15.40 -17.66 -8.33
C PRO A 158 -15.69 -19.13 -8.03
N ASP A 159 -16.30 -19.44 -6.88
CA ASP A 159 -16.66 -20.82 -6.54
C ASP A 159 -18.03 -21.21 -7.17
N GLY A 160 -18.63 -20.30 -7.95
CA GLY A 160 -19.90 -20.47 -8.64
C GLY A 160 -21.13 -20.64 -7.76
N LYS A 161 -21.09 -20.12 -6.52
CA LYS A 161 -22.19 -20.36 -5.58
C LYS A 161 -22.89 -19.10 -5.11
N TYR A 162 -22.25 -17.93 -5.31
CA TYR A 162 -22.82 -16.67 -4.84
C TYR A 162 -22.74 -15.57 -5.87
N ILE A 163 -23.49 -14.51 -5.61
CA ILE A 163 -23.49 -13.27 -6.38
C ILE A 163 -23.27 -12.15 -5.36
N PHE A 164 -22.39 -11.20 -5.69
CA PHE A 164 -22.17 -10.02 -4.84
C PHE A 164 -22.55 -8.81 -5.66
N ALA A 165 -23.17 -7.82 -5.00
CA ALA A 165 -23.59 -6.56 -5.63
C ALA A 165 -23.20 -5.38 -4.74
N THR A 166 -22.69 -4.31 -5.36
CA THR A 166 -22.29 -3.16 -4.55
C THR A 166 -23.51 -2.27 -4.33
N ASP A 167 -23.93 -2.15 -3.05
CA ASP A 167 -25.04 -1.30 -2.61
C ASP A 167 -24.41 0.07 -2.30
N PHE A 168 -24.10 0.81 -3.37
CA PHE A 168 -23.36 2.07 -3.42
C PHE A 168 -23.84 3.13 -2.39
N SER A 169 -25.17 3.29 -2.24
CA SER A 169 -25.74 4.31 -1.37
C SER A 169 -25.93 3.83 0.07
N ALA A 170 -25.62 2.56 0.35
CA ALA A 170 -25.77 2.02 1.72
C ALA A 170 -24.44 1.51 2.27
N ASP A 171 -23.32 1.80 1.55
CA ASP A 171 -21.95 1.46 1.96
C ASP A 171 -21.84 0.01 2.43
N ARG A 172 -22.28 -0.93 1.59
CA ARG A 172 -22.25 -2.34 1.92
C ARG A 172 -22.23 -3.18 0.63
N ILE A 173 -21.97 -4.48 0.80
CA ILE A 173 -21.95 -5.41 -0.31
C ILE A 173 -23.05 -6.40 -0.05
N LEU A 174 -23.96 -6.53 -1.01
CA LEU A 174 -25.06 -7.47 -0.92
C LEU A 174 -24.62 -8.84 -1.38
N ARG A 175 -25.13 -9.87 -0.71
CA ARG A 175 -24.87 -11.26 -1.05
C ARG A 175 -26.17 -11.99 -1.44
N PHE A 176 -26.09 -12.77 -2.53
CA PHE A 176 -27.14 -13.60 -3.06
C PHE A 176 -26.63 -15.04 -3.15
N VAL A 177 -27.43 -16.01 -2.66
CA VAL A 177 -27.06 -17.42 -2.69
C VAL A 177 -27.66 -18.03 -3.96
N HIS A 179 -28.89 -20.93 -6.67
CA HIS A 179 -29.56 -22.24 -6.62
C HIS A 179 -28.97 -23.16 -7.70
N PRO A 180 -28.73 -24.48 -7.43
CA PRO A 180 -28.15 -25.35 -8.47
C PRO A 180 -29.03 -25.53 -9.72
N ASP A 181 -30.37 -25.39 -9.56
CA ASP A 181 -31.30 -25.59 -10.66
C ASP A 181 -31.96 -24.29 -11.13
N ASN A 182 -32.34 -23.42 -10.20
CA ASN A 182 -33.03 -22.18 -10.52
C ASN A 182 -32.04 -21.04 -10.88
N PRO A 183 -32.26 -20.34 -12.03
CA PRO A 183 -31.39 -19.20 -12.39
C PRO A 183 -31.56 -17.96 -11.50
N ILE A 184 -32.54 -17.97 -10.60
CA ILE A 184 -32.83 -16.86 -9.72
C ILE A 184 -32.26 -17.13 -8.33
N PRO A 185 -31.40 -16.23 -7.80
CA PRO A 185 -30.80 -16.48 -6.49
C PRO A 185 -31.69 -16.09 -5.32
N HIS A 186 -31.29 -16.52 -4.12
CA HIS A 186 -31.92 -16.23 -2.84
C HIS A 186 -31.15 -15.07 -2.19
N ALA A 187 -31.85 -13.99 -1.80
CA ALA A 187 -31.19 -12.86 -1.14
C ALA A 187 -30.82 -13.21 0.28
N SER A 188 -29.54 -13.03 0.64
CA SER A 188 -29.06 -13.28 2.01
C SER A 188 -29.63 -12.23 2.96
N LEU A 189 -29.85 -12.62 4.24
CA LEU A 189 -30.40 -11.71 5.24
C LEU A 189 -29.35 -10.69 5.72
N GLU A 190 -28.04 -11.00 5.56
CA GLU A 190 -26.96 -10.11 5.97
C GLU A 190 -26.09 -9.70 4.79
N ALA A 191 -25.67 -8.42 4.81
CA ALA A 191 -24.78 -7.76 3.88
C ALA A 191 -23.43 -7.52 4.56
N VAL A 192 -22.39 -7.19 3.79
CA VAL A 192 -21.05 -6.90 4.35
C VAL A 192 -20.89 -5.39 4.39
N GLY A 193 -20.94 -4.82 5.59
CA GLY A 193 -20.80 -3.38 5.78
C GLY A 193 -19.38 -2.84 5.65
N ILE A 194 -19.25 -1.64 5.09
CA ILE A 194 -17.97 -0.94 4.99
C ILE A 194 -18.15 0.48 5.56
N GLU A 195 -17.05 1.21 5.79
CA GLU A 195 -17.06 2.57 6.33
C GLU A 195 -18.08 3.47 5.62
N ALA A 196 -18.73 4.34 6.38
CA ALA A 196 -19.70 5.31 5.86
C ALA A 196 -19.00 6.25 4.87
N ASP A 197 -19.72 6.71 3.84
CA ASP A 197 -19.24 7.64 2.79
C ASP A 197 -18.23 6.97 1.88
N SER A 198 -18.35 5.65 1.68
CA SER A 198 -17.42 4.93 0.82
C SER A 198 -17.87 4.98 -0.62
N GLY A 199 -19.14 4.65 -0.86
CA GLY A 199 -19.71 4.51 -2.21
C GLY A 199 -19.08 3.33 -2.92
N PRO A 200 -19.28 2.08 -2.44
CA PRO A 200 -18.65 0.90 -3.10
C PRO A 200 -19.03 0.82 -4.58
N ARG A 201 -18.01 0.79 -5.46
CA ARG A 201 -18.31 0.85 -6.88
C ARG A 201 -18.13 -0.51 -7.56
N HIS A 202 -16.89 -0.92 -7.84
CA HIS A 202 -16.65 -2.20 -8.50
C HIS A 202 -15.94 -3.14 -7.57
N LEU A 203 -16.27 -4.43 -7.70
CA LEU A 203 -15.66 -5.51 -6.92
C LEU A 203 -15.03 -6.51 -7.89
N THR A 204 -13.83 -7.00 -7.55
CA THR A 204 -13.15 -8.01 -8.36
C THR A 204 -12.54 -9.07 -7.45
N PHE A 205 -12.44 -10.31 -7.94
CA PHE A 205 -11.83 -11.40 -7.20
C PHE A 205 -10.44 -11.64 -7.73
N SER A 206 -9.51 -12.03 -6.86
CA SER A 206 -8.13 -12.35 -7.25
C SER A 206 -8.12 -13.58 -8.16
N PRO A 207 -7.14 -13.76 -9.08
CA PRO A 207 -7.11 -14.97 -9.91
C PRO A 207 -7.20 -16.30 -9.13
N ASN A 208 -6.65 -16.37 -7.89
CA ASN A 208 -6.69 -17.62 -7.12
C ASN A 208 -8.04 -17.82 -6.38
N GLY A 209 -8.93 -16.84 -6.49
CA GLY A 209 -10.25 -16.86 -5.86
C GLY A 209 -10.28 -16.84 -4.34
N LYS A 210 -9.16 -16.48 -3.67
CA LYS A 210 -9.07 -16.43 -2.21
C LYS A 210 -9.24 -15.01 -1.68
N PHE A 211 -9.23 -14.02 -2.57
CA PHE A 211 -9.35 -12.64 -2.18
C PHE A 211 -10.27 -11.88 -3.12
N ALA A 212 -10.83 -10.77 -2.63
CA ALA A 212 -11.69 -9.86 -3.39
C ALA A 212 -11.30 -8.45 -3.05
N TYR A 213 -11.37 -7.55 -4.05
CA TYR A 213 -10.93 -6.17 -3.90
C TYR A 213 -11.98 -5.24 -4.41
N LEU A 214 -12.28 -4.22 -3.61
CA LEU A 214 -13.30 -3.22 -3.89
C LEU A 214 -12.69 -1.85 -4.09
N ILE A 215 -13.15 -1.14 -5.12
CA ILE A 215 -12.76 0.26 -5.31
C ILE A 215 -13.98 1.09 -4.85
N THR A 216 -13.75 2.10 -4.00
CA THR A 216 -14.83 2.93 -3.49
C THR A 216 -14.74 4.26 -4.22
N GLU A 217 -15.87 4.69 -4.81
CA GLU A 217 -15.92 5.90 -5.63
C GLU A 217 -15.71 7.16 -4.82
N LEU A 218 -16.39 7.25 -3.65
CA LEU A 218 -16.42 8.46 -2.83
C LEU A 218 -15.21 8.61 -1.92
N SER A 219 -14.82 7.56 -1.20
CA SER A 219 -13.68 7.60 -0.29
C SER A 219 -12.35 7.35 -1.03
N GLY A 220 -12.43 6.96 -2.31
CA GLY A 220 -11.25 6.73 -3.15
C GLY A 220 -10.29 5.71 -2.56
N LYS A 221 -10.85 4.61 -2.04
CA LYS A 221 -10.08 3.57 -1.41
C LYS A 221 -10.16 2.27 -2.14
N VAL A 222 -9.16 1.42 -1.93
CA VAL A 222 -9.23 0.03 -2.33
C VAL A 222 -9.44 -0.73 -1.02
N ILE A 223 -10.50 -1.57 -0.95
CA ILE A 223 -10.74 -2.37 0.24
C ILE A 223 -10.47 -3.82 -0.13
N ALA A 224 -9.56 -4.47 0.61
CA ALA A 224 -9.14 -5.84 0.41
C ALA A 224 -9.91 -6.76 1.33
N PHE A 225 -10.34 -7.89 0.81
CA PHE A 225 -11.09 -8.88 1.58
C PHE A 225 -10.55 -10.24 1.37
N SER A 226 -10.54 -11.07 2.41
CA SER A 226 -10.28 -12.48 2.23
C SER A 226 -11.63 -13.07 1.77
N TYR A 227 -11.61 -14.10 0.96
CA TYR A 227 -12.85 -14.66 0.47
C TYR A 227 -12.86 -16.15 0.65
N ASP A 228 -13.92 -16.68 1.26
CA ASP A 228 -14.10 -18.13 1.41
C ASP A 228 -15.56 -18.47 1.55
N ASP A 229 -16.06 -19.28 0.59
CA ASP A 229 -17.41 -19.85 0.52
C ASP A 229 -18.52 -18.85 0.92
N GLY A 230 -18.62 -17.76 0.19
CA GLY A 230 -19.63 -16.73 0.43
C GLY A 230 -19.31 -15.71 1.50
N CYS A 231 -18.20 -15.90 2.20
CA CYS A 231 -17.82 -15.01 3.29
C CYS A 231 -16.72 -14.06 2.86
N LEU A 232 -17.03 -12.76 2.89
CA LEU A 232 -16.10 -11.67 2.64
C LEU A 232 -15.66 -11.08 3.98
N GLU A 233 -14.36 -11.09 4.26
CA GLU A 233 -13.82 -10.56 5.50
C GLU A 233 -12.81 -9.47 5.18
N GLN A 234 -13.09 -8.19 5.60
CA GLN A 234 -12.19 -7.07 5.35
C GLN A 234 -10.83 -7.30 6.05
N ILE A 235 -9.74 -7.20 5.29
CA ILE A 235 -8.40 -7.37 5.86
C ILE A 235 -7.62 -6.03 5.82
N GLN A 236 -8.00 -5.10 4.92
CA GLN A 236 -7.25 -3.83 4.77
C GLN A 236 -7.98 -2.83 3.90
N THR A 237 -7.74 -1.54 4.19
CA THR A 237 -8.17 -0.38 3.44
C THR A 237 -6.87 0.38 3.04
N ILE A 238 -6.78 0.81 1.79
CA ILE A 238 -5.62 1.55 1.26
C ILE A 238 -6.14 2.65 0.32
N THR A 239 -5.51 3.83 0.36
CA THR A 239 -5.87 4.97 -0.49
C THR A 239 -5.45 4.69 -1.92
N ALA A 240 -6.35 4.90 -2.85
CA ALA A 240 -6.12 4.80 -4.29
C ALA A 240 -6.05 6.24 -4.86
N ASP A 241 -6.89 7.15 -4.30
CA ASP A 241 -6.98 8.56 -4.72
C ASP A 241 -6.51 9.47 -3.58
N THR A 242 -5.26 9.95 -3.68
CA THR A 242 -4.63 10.84 -2.68
C THR A 242 -5.19 12.28 -2.68
N VAL A 243 -5.89 12.73 -3.76
CA VAL A 243 -6.45 14.08 -3.82
C VAL A 243 -7.94 14.07 -3.43
N ALA A 244 -8.46 12.90 -3.00
CA ALA A 244 -9.86 12.66 -2.57
C ALA A 244 -10.87 13.41 -3.47
N ALA A 245 -10.76 13.18 -4.79
CA ALA A 245 -11.58 13.81 -5.82
C ALA A 245 -13.01 13.23 -5.87
N ARG A 246 -13.28 12.14 -5.13
CA ARG A 246 -14.57 11.44 -5.03
C ARG A 246 -15.00 10.97 -6.44
N GLY A 247 -14.06 10.39 -7.19
CA GLY A 247 -14.31 9.97 -8.55
C GLY A 247 -13.55 8.74 -9.00
N SER A 248 -13.28 7.83 -8.06
CA SER A 248 -12.60 6.58 -8.36
C SER A 248 -13.51 5.72 -9.22
N ALA A 249 -12.93 4.79 -10.01
CA ALA A 249 -13.74 4.06 -10.98
C ALA A 249 -13.53 2.56 -11.04
N ASP A 250 -12.46 2.09 -11.71
CA ASP A 250 -12.26 0.69 -12.02
C ASP A 250 -11.11 0.03 -11.27
N ILE A 251 -11.15 -1.32 -11.21
CA ILE A 251 -10.20 -2.11 -10.46
C ILE A 251 -9.98 -3.47 -11.14
N HIS A 252 -8.72 -3.84 -11.34
CA HIS A 252 -8.31 -5.11 -11.96
C HIS A 252 -6.99 -5.55 -11.39
N LEU A 253 -6.81 -6.86 -11.30
CA LEU A 253 -5.53 -7.46 -10.95
C LEU A 253 -4.91 -7.97 -12.23
N SER A 254 -3.58 -8.04 -12.29
CA SER A 254 -2.90 -8.67 -13.42
C SER A 254 -3.21 -10.18 -13.33
N PRO A 255 -3.28 -10.95 -14.46
CA PRO A 255 -3.69 -12.35 -14.37
C PRO A 255 -2.81 -13.26 -13.49
N ASP A 256 -1.59 -12.82 -13.13
CA ASP A 256 -0.72 -13.59 -12.23
C ASP A 256 -1.06 -13.29 -10.75
N GLY A 257 -1.96 -12.32 -10.55
CA GLY A 257 -2.43 -11.87 -9.23
C GLY A 257 -1.43 -11.07 -8.41
N LYS A 258 -0.29 -10.66 -9.02
CA LYS A 258 0.81 -9.94 -8.33
C LYS A 258 0.57 -8.45 -8.18
N TYR A 259 -0.19 -7.85 -9.09
CA TYR A 259 -0.41 -6.41 -9.05
C TYR A 259 -1.85 -6.09 -9.16
N LEU A 260 -2.27 -4.99 -8.52
CA LEU A 260 -3.63 -4.47 -8.53
C LEU A 260 -3.61 -3.05 -9.07
N TYR A 261 -4.59 -2.73 -9.90
CA TYR A 261 -4.72 -1.42 -10.54
C TYR A 261 -6.08 -0.84 -10.24
N ALA A 262 -6.10 0.42 -9.85
CA ALA A 262 -7.30 1.16 -9.51
C ALA A 262 -7.25 2.51 -10.18
N SER A 263 -8.32 2.90 -10.90
CA SER A 263 -8.34 4.14 -11.67
C SER A 263 -9.13 5.24 -10.97
N ASN A 264 -8.68 6.49 -11.18
CA ASN A 264 -9.23 7.70 -10.58
C ASN A 264 -9.56 8.73 -11.67
N ARG A 265 -10.66 9.43 -11.49
CA ARG A 265 -11.17 10.45 -12.43
C ARG A 265 -11.28 11.80 -11.71
N LEU A 266 -11.76 12.83 -12.44
CA LEU A 266 -12.06 14.20 -12.01
C LEU A 266 -10.79 15.02 -11.73
N LYS A 267 -9.87 14.50 -10.90
CA LYS A 267 -8.62 15.19 -10.59
C LYS A 267 -7.45 14.21 -10.67
N GLU A 268 -6.35 14.66 -11.30
CA GLU A 268 -5.10 13.89 -11.46
C GLU A 268 -5.41 12.49 -12.03
N ASP A 269 -6.27 12.45 -13.08
CA ASP A 269 -6.74 11.21 -13.74
C ASP A 269 -5.61 10.23 -13.96
N GLY A 270 -5.81 9.02 -13.46
CA GLY A 270 -4.78 8.00 -13.60
C GLY A 270 -5.06 6.70 -12.90
N ILE A 271 -4.03 5.86 -12.83
CA ILE A 271 -4.14 4.53 -12.27
C ILE A 271 -3.14 4.35 -11.17
N ALA A 272 -3.63 3.96 -9.97
CA ALA A 272 -2.82 3.64 -8.81
C ALA A 272 -2.37 2.18 -8.93
N ILE A 273 -1.09 1.92 -8.72
CA ILE A 273 -0.52 0.56 -8.87
C ILE A 273 -0.08 0.04 -7.50
N PHE A 274 -0.54 -1.16 -7.18
CA PHE A 274 -0.22 -1.83 -5.92
C PHE A 274 0.35 -3.23 -6.12
N ALA A 275 1.33 -3.61 -5.31
CA ALA A 275 1.83 -4.98 -5.28
C ALA A 275 0.94 -5.76 -4.32
N VAL A 276 0.56 -6.97 -4.70
CA VAL A 276 -0.34 -7.81 -3.92
C VAL A 276 0.48 -8.86 -3.20
N ASN A 277 0.27 -9.02 -1.88
CA ASN A 277 1.01 -10.03 -1.12
C ASN A 277 0.46 -11.42 -1.47
N PRO A 278 1.34 -12.38 -1.92
CA PRO A 278 0.84 -13.72 -2.31
C PRO A 278 0.11 -14.50 -1.21
N GLU A 279 0.65 -14.52 0.03
CA GLU A 279 0.07 -15.30 1.13
C GLU A 279 -1.11 -14.61 1.84
N ASN A 280 -1.05 -13.28 2.09
CA ASN A 280 -2.13 -12.68 2.87
C ASN A 280 -3.01 -11.66 2.11
N GLY A 281 -2.73 -11.40 0.83
CA GLY A 281 -3.51 -10.53 -0.01
C GLY A 281 -3.49 -9.04 0.28
N THR A 282 -2.56 -8.58 1.14
CA THR A 282 -2.44 -7.14 1.48
C THR A 282 -1.80 -6.38 0.33
N LEU A 283 -2.00 -5.05 0.32
CA LEU A 283 -1.53 -4.16 -0.73
C LEU A 283 -0.59 -3.09 -0.23
N ALA A 284 0.30 -2.66 -1.12
CA ALA A 284 1.26 -1.55 -0.92
C ALA A 284 1.51 -0.90 -2.27
N LYS A 285 1.47 0.44 -2.33
CA LYS A 285 1.67 1.21 -3.56
C LYS A 285 3.08 1.03 -4.17
N VAL A 286 3.15 0.86 -5.51
CA VAL A 286 4.44 0.74 -6.23
C VAL A 286 4.59 1.94 -7.18
N GLY A 287 3.48 2.59 -7.51
CA GLY A 287 3.50 3.73 -8.41
C GLY A 287 2.14 4.25 -8.80
N TYR A 288 2.15 5.21 -9.70
CA TYR A 288 0.95 5.85 -10.18
C TYR A 288 1.13 6.20 -11.62
N GLN A 289 0.13 5.90 -12.46
CA GLN A 289 0.19 6.22 -13.87
C GLN A 289 -0.84 7.28 -14.26
N PRO A 290 -0.42 8.54 -14.52
CA PRO A 290 -1.37 9.55 -15.06
C PRO A 290 -1.81 9.12 -16.47
N THR A 291 -3.12 9.24 -16.76
CA THR A 291 -3.68 8.79 -18.03
C THR A 291 -4.40 9.95 -18.71
N GLY A 292 -5.12 9.66 -19.81
CA GLY A 292 -5.99 10.62 -20.47
C GLY A 292 -7.16 10.91 -19.52
N ILE A 293 -7.99 11.89 -19.86
CA ILE A 293 -9.07 12.32 -18.99
C ILE A 293 -10.25 11.32 -18.94
N HIS A 294 -10.67 11.01 -17.70
CA HIS A 294 -11.80 10.19 -17.28
C HIS A 294 -11.58 8.68 -17.56
N PRO A 295 -10.58 8.02 -16.90
CA PRO A 295 -10.41 6.56 -17.09
C PRO A 295 -11.42 5.76 -16.24
N ARG A 296 -12.68 5.74 -16.71
CA ARG A 296 -13.83 5.06 -16.08
C ARG A 296 -13.67 3.54 -16.15
N ASN A 297 -12.93 3.04 -17.12
CA ASN A 297 -12.73 1.61 -17.32
C ASN A 297 -11.39 1.35 -17.97
N PHE A 298 -10.83 0.21 -17.64
CA PHE A 298 -9.60 -0.29 -18.21
C PHE A 298 -9.62 -1.79 -18.12
N ASN A 299 -8.74 -2.45 -18.84
CA ASN A 299 -8.61 -3.90 -18.82
C ASN A 299 -7.15 -4.27 -19.11
N ILE A 300 -6.74 -5.48 -18.72
CA ILE A 300 -5.41 -6.02 -18.95
C ILE A 300 -5.59 -7.24 -19.86
N THR A 301 -4.71 -7.37 -20.88
CA THR A 301 -4.75 -8.50 -21.83
C THR A 301 -4.54 -9.86 -21.09
N PRO A 302 -5.11 -10.99 -21.61
CA PRO A 302 -4.93 -12.29 -20.94
C PRO A 302 -3.48 -12.69 -20.63
N ASN A 303 -2.50 -12.33 -21.49
CA ASN A 303 -1.08 -12.63 -21.24
C ASN A 303 -0.45 -11.65 -20.22
N GLY A 304 -1.22 -10.63 -19.84
CA GLY A 304 -0.80 -9.59 -18.90
C GLY A 304 0.20 -8.58 -19.42
N LYS A 305 0.54 -8.63 -20.71
CA LYS A 305 1.55 -7.72 -21.28
C LYS A 305 1.06 -6.29 -21.49
N TYR A 306 -0.25 -6.07 -21.65
CA TYR A 306 -0.77 -4.73 -21.91
C TYR A 306 -1.95 -4.36 -21.02
N LEU A 307 -2.00 -3.08 -20.65
CA LEU A 307 -3.10 -2.47 -19.91
C LEU A 307 -3.70 -1.44 -20.86
N LEU A 308 -4.99 -1.55 -21.09
CA LEU A 308 -5.69 -0.64 -21.98
C LEU A 308 -6.62 0.23 -21.18
N ALA A 309 -6.37 1.56 -21.18
CA ALA A 309 -7.17 2.51 -20.39
C ALA A 309 -8.12 3.34 -21.28
N ALA A 310 -9.45 3.11 -21.09
CA ALA A 310 -10.47 3.86 -21.82
C ALA A 310 -10.65 5.21 -21.11
N CYS A 311 -10.23 6.28 -21.79
CA CYS A 311 -10.33 7.64 -21.30
C CYS A 311 -11.47 8.31 -22.07
N ARG A 312 -12.65 8.40 -21.40
CA ARG A 312 -13.92 8.88 -21.95
C ARG A 312 -13.83 10.30 -22.52
N ASP A 313 -13.19 11.23 -21.79
CA ASP A 313 -13.13 12.64 -22.21
C ASP A 313 -11.92 12.93 -23.11
N SER A 314 -10.94 12.01 -23.19
CA SER A 314 -9.78 12.16 -24.10
C SER A 314 -10.07 11.45 -25.44
N ASN A 315 -11.19 10.67 -25.49
CA ASN A 315 -11.68 9.92 -26.67
C ASN A 315 -10.60 8.98 -27.23
N VAL A 316 -9.92 8.28 -26.32
CA VAL A 316 -8.87 7.34 -26.66
C VAL A 316 -8.87 6.19 -25.69
N ILE A 317 -8.35 5.05 -26.16
CA ILE A 317 -8.00 3.91 -25.33
C ILE A 317 -6.48 3.91 -25.39
N GLN A 318 -5.84 4.31 -24.29
CA GLN A 318 -4.36 4.35 -24.24
C GLN A 318 -3.84 2.96 -24.02
N VAL A 319 -2.79 2.58 -24.75
CA VAL A 319 -2.18 1.26 -24.72
C VAL A 319 -0.89 1.35 -23.91
N TYR A 320 -0.90 0.74 -22.71
CA TYR A 320 0.26 0.71 -21.82
C TYR A 320 0.91 -0.64 -21.79
N LYS A 321 2.23 -0.67 -21.87
CA LYS A 321 2.97 -1.93 -21.75
C LYS A 321 3.19 -2.17 -20.26
N ARG A 322 2.83 -3.37 -19.79
CA ARG A 322 2.94 -3.76 -18.38
C ARG A 322 4.23 -4.48 -18.12
N ASN A 323 4.99 -4.05 -17.12
CA ASN A 323 6.20 -4.75 -16.70
C ASN A 323 5.78 -5.81 -15.70
N GLU A 324 5.94 -7.08 -16.05
CA GLU A 324 5.54 -8.24 -15.24
C GLU A 324 6.19 -8.24 -13.86
N VAL A 325 7.45 -7.77 -13.78
CA VAL A 325 8.27 -7.77 -12.57
C VAL A 325 7.94 -6.58 -11.67
N THR A 326 7.89 -5.34 -12.21
CA THR A 326 7.67 -4.14 -11.39
C THR A 326 6.19 -3.71 -11.27
N GLY A 327 5.34 -4.15 -12.21
CA GLY A 327 3.93 -3.78 -12.25
C GLY A 327 3.68 -2.42 -12.87
N LEU A 328 4.76 -1.70 -13.18
CA LEU A 328 4.70 -0.34 -13.70
C LEU A 328 4.33 -0.32 -15.18
N LEU A 329 3.80 0.83 -15.63
CA LEU A 329 3.27 1.01 -16.97
C LEU A 329 4.08 1.98 -17.80
N GLU A 330 4.16 1.67 -19.09
CA GLU A 330 4.84 2.47 -20.09
C GLU A 330 3.88 2.71 -21.27
N ASP A 331 3.52 4.00 -21.50
CA ASP A 331 2.65 4.34 -22.63
C ASP A 331 3.38 4.03 -23.92
N THR A 332 2.79 3.18 -24.75
CA THR A 332 3.36 2.76 -26.05
C THR A 332 3.06 3.82 -27.12
N HIS A 333 2.12 4.77 -26.82
CA HIS A 333 1.63 5.86 -27.68
C HIS A 333 1.00 5.30 -28.97
N GLN A 334 0.23 4.22 -28.81
CA GLN A 334 -0.53 3.54 -29.87
C GLN A 334 -2.02 3.67 -29.54
N ASP A 335 -2.46 4.93 -29.30
CA ASP A 335 -3.82 5.32 -28.90
C ASP A 335 -4.92 4.90 -29.88
N ILE A 336 -5.95 4.23 -29.37
CA ILE A 336 -7.10 3.81 -30.15
C ILE A 336 -8.18 4.90 -30.02
N VAL A 337 -8.44 5.64 -31.11
CA VAL A 337 -9.38 6.77 -31.12
C VAL A 337 -10.82 6.25 -31.26
N VAL A 338 -11.62 6.49 -30.22
CA VAL A 338 -13.03 6.13 -30.12
C VAL A 338 -13.74 7.28 -29.40
N ASP A 339 -14.96 7.68 -29.83
CA ASP A 339 -15.68 8.72 -29.08
C ASP A 339 -16.28 8.11 -27.81
N PRO A 341 -14.94 6.29 -25.06
CA PRO A 341 -14.82 4.85 -24.73
C PRO A 341 -15.01 4.66 -23.23
N VAL A 342 -15.86 3.67 -22.80
CA VAL A 342 -16.13 3.48 -21.35
C VAL A 342 -16.12 1.99 -20.91
N CYS A 343 -15.77 1.05 -21.81
CA CYS A 343 -15.69 -0.39 -21.51
C CYS A 343 -14.75 -1.07 -22.50
N VAL A 344 -13.82 -1.88 -21.98
CA VAL A 344 -12.83 -2.61 -22.78
C VAL A 344 -12.97 -4.09 -22.41
N GLN A 345 -13.34 -4.94 -23.37
CA GLN A 345 -13.46 -6.39 -23.14
C GLN A 345 -12.66 -7.13 -24.17
N PHE A 346 -12.09 -8.28 -23.81
CA PHE A 346 -11.34 -9.12 -24.75
C PHE A 346 -11.99 -10.46 -24.94
N VAL A 347 -11.81 -11.02 -26.15
CA VAL A 347 -12.24 -12.36 -26.56
C VAL A 347 -11.00 -13.06 -27.14
N SER A 348 -10.62 -14.20 -26.52
CA SER A 348 -9.47 -15.01 -26.97
C SER A 348 -9.80 -15.79 -28.24
N GLN B 5 16.86 19.09 35.43
CA GLN B 5 17.43 19.57 34.17
C GLN B 5 18.29 18.47 33.51
N ASP B 6 19.16 17.83 34.32
CA ASP B 6 20.04 16.77 33.83
C ASP B 6 19.43 15.38 34.11
N GLU B 7 18.23 15.34 34.70
CA GLU B 7 17.46 14.12 34.92
C GLU B 7 16.50 13.97 33.74
N LEU B 8 16.69 12.96 32.91
CA LEU B 8 15.84 12.71 31.74
C LEU B 8 14.95 11.52 31.98
N ALA B 9 13.90 11.38 31.19
CA ALA B 9 13.08 10.18 31.24
C ALA B 9 13.64 9.29 30.14
N LEU B 11 13.23 5.59 28.00
CA LEU B 11 12.32 4.52 27.59
C LEU B 11 13.10 3.42 26.92
N ILE B 12 12.91 2.18 27.36
CA ILE B 12 13.61 1.03 26.83
C ILE B 12 12.61 0.08 26.17
N GLY B 13 12.86 -0.22 24.91
CA GLY B 13 12.10 -1.16 24.10
C GLY B 13 12.77 -2.51 24.16
N THR B 14 11.99 -3.58 24.07
CA THR B 14 12.50 -4.95 24.22
C THR B 14 11.83 -5.95 23.29
N TYR B 15 12.33 -7.21 23.32
CA TYR B 15 11.72 -8.42 22.80
C TYR B 15 11.16 -9.09 24.03
N THR B 16 9.90 -9.54 23.96
CA THR B 16 9.15 -10.04 25.12
C THR B 16 9.02 -11.57 25.17
N ASN B 17 9.83 -12.33 24.38
CA ASN B 17 9.79 -13.80 24.40
C ASN B 17 10.43 -14.35 25.70
N GLY B 18 11.29 -13.55 26.32
CA GLY B 18 11.90 -13.86 27.61
C GLY B 18 11.06 -13.34 28.76
N SER B 19 11.71 -12.85 29.82
CA SER B 19 11.05 -12.35 31.03
C SER B 19 10.52 -10.90 30.89
N SER B 20 10.91 -10.17 29.82
CA SER B 20 10.44 -8.80 29.58
C SER B 20 8.94 -8.75 29.24
N LYS B 21 8.21 -7.75 29.76
CA LYS B 21 6.77 -7.64 29.51
C LYS B 21 6.43 -6.52 28.49
N GLY B 22 7.41 -5.70 28.13
CA GLY B 22 7.21 -4.62 27.18
C GLY B 22 8.20 -3.49 27.29
N ILE B 23 7.69 -2.28 27.51
CA ILE B 23 8.48 -1.04 27.60
C ILE B 23 8.79 -0.75 29.06
N TYR B 24 10.07 -0.46 29.36
CA TYR B 24 10.51 -0.12 30.72
C TYR B 24 10.95 1.34 30.77
N THR B 25 10.45 2.09 31.77
CA THR B 25 10.78 3.51 31.92
C THR B 25 11.71 3.73 33.12
N PHE B 26 12.63 4.68 32.93
CA PHE B 26 13.64 5.03 33.91
C PHE B 26 13.90 6.50 33.97
N ARG B 27 14.51 6.93 35.07
CA ARG B 27 14.98 8.30 35.24
CA ARG B 27 14.98 8.30 35.23
C ARG B 27 16.48 8.23 35.00
N PHE B 28 16.97 8.91 33.98
CA PHE B 28 18.40 8.86 33.66
C PHE B 28 19.05 10.22 33.88
N ASN B 29 20.11 10.25 34.71
CA ASN B 29 20.91 11.45 35.00
C ASN B 29 22.04 11.51 33.96
N GLN B 30 22.02 12.54 33.10
CA GLN B 30 22.99 12.68 32.01
C GLN B 30 24.29 13.37 32.45
N GLU B 31 24.46 13.57 33.78
CA GLU B 31 25.70 14.08 34.37
C GLU B 31 26.48 12.92 35.05
N THR B 32 25.79 12.06 35.83
CA THR B 32 26.43 10.95 36.55
C THR B 32 26.31 9.59 35.84
N GLY B 33 25.34 9.45 34.96
CA GLY B 33 25.12 8.18 34.26
C GLY B 33 24.36 7.18 35.11
N THR B 34 23.71 7.67 36.18
CA THR B 34 22.92 6.79 37.03
C THR B 34 21.52 6.69 36.47
N ALA B 35 20.85 5.59 36.78
CA ALA B 35 19.49 5.31 36.34
C ALA B 35 18.64 4.78 37.49
N VAL B 36 17.36 5.19 37.53
CA VAL B 36 16.40 4.76 38.53
C VAL B 36 15.18 4.15 37.79
N PRO B 37 14.75 2.91 38.11
CA PRO B 37 13.55 2.35 37.44
C PRO B 37 12.29 3.11 37.87
N LEU B 38 11.38 3.40 36.91
CA LEU B 38 10.14 4.12 37.23
C LEU B 38 8.92 3.23 37.06
N SER B 39 8.57 2.88 35.81
CA SER B 39 7.39 2.06 35.53
C SER B 39 7.63 1.18 34.32
N SER B 40 6.56 0.56 33.83
CA SER B 40 6.57 -0.32 32.65
C SER B 40 5.18 -0.43 32.05
N ALA B 41 5.12 -0.69 30.74
CA ALA B 41 3.87 -0.92 30.02
C ALA B 41 3.96 -2.27 29.34
N ALA B 42 2.98 -3.14 29.58
CA ALA B 42 2.93 -4.46 28.98
C ALA B 42 2.51 -4.33 27.52
N LEU B 43 3.41 -4.72 26.61
CA LEU B 43 3.20 -4.66 25.15
C LEU B 43 4.07 -5.70 24.44
N PRO B 44 3.51 -6.57 23.55
CA PRO B 44 4.37 -7.58 22.89
C PRO B 44 5.37 -6.97 21.92
N ASN B 45 6.63 -7.45 21.99
CA ASN B 45 7.82 -7.09 21.18
C ASN B 45 7.86 -5.60 20.78
N PRO B 46 7.92 -4.65 21.74
CA PRO B 46 8.02 -3.24 21.33
C PRO B 46 9.50 -2.95 21.08
N SER B 47 10.02 -3.57 20.01
CA SER B 47 11.41 -3.55 19.61
C SER B 47 11.90 -2.15 19.24
N TYR B 48 10.98 -1.28 18.84
CA TYR B 48 11.33 0.09 18.52
C TYR B 48 10.18 0.99 18.92
N LEU B 49 10.51 2.12 19.54
CA LEU B 49 9.51 3.07 20.01
C LEU B 49 10.04 4.47 19.81
N VAL B 50 9.14 5.46 19.78
CA VAL B 50 9.56 6.85 19.58
C VAL B 50 8.64 7.76 20.41
N PRO B 51 9.19 8.74 21.16
CA PRO B 51 8.31 9.68 21.87
C PRO B 51 7.92 10.84 20.94
N SER B 52 6.79 11.50 21.20
CA SER B 52 6.45 12.70 20.43
C SER B 52 7.41 13.86 20.85
N GLU B 53 7.55 14.89 19.99
CA GLU B 53 8.39 16.06 20.22
C GLU B 53 8.08 16.74 21.59
N ASP B 54 6.81 16.78 22.03
CA ASP B 54 6.44 17.36 23.33
C ASP B 54 6.58 16.35 24.51
N GLY B 55 7.02 15.12 24.21
CA GLY B 55 7.21 14.05 25.18
C GLY B 55 5.97 13.52 25.89
N GLU B 56 4.77 13.88 25.39
CA GLU B 56 3.50 13.46 25.98
C GLU B 56 3.00 12.12 25.40
N PHE B 57 3.50 11.74 24.20
CA PHE B 57 3.05 10.51 23.55
C PHE B 57 4.20 9.64 23.16
N VAL B 58 3.95 8.33 23.15
CA VAL B 58 4.92 7.31 22.72
C VAL B 58 4.24 6.43 21.67
N TYR B 59 4.94 6.17 20.57
CA TYR B 59 4.46 5.31 19.49
C TYR B 59 5.40 4.12 19.42
N ALA B 60 4.90 2.90 19.72
CA ALA B 60 5.70 1.69 19.79
C ALA B 60 5.15 0.61 18.91
N VAL B 61 6.06 -0.08 18.20
CA VAL B 61 5.66 -1.18 17.33
C VAL B 61 5.40 -2.44 18.18
N SER B 62 4.75 -3.43 17.60
CA SER B 62 4.63 -4.78 18.14
C SER B 62 5.17 -5.66 17.04
N GLU B 63 6.46 -5.94 17.11
CA GLU B 63 7.16 -6.69 16.09
C GLU B 63 6.73 -8.17 16.09
N ASN B 65 5.48 -11.46 13.48
CA ASN B 65 5.66 -11.98 12.12
C ASN B 65 4.34 -12.49 11.53
N ASP B 66 3.19 -12.02 12.05
CA ASP B 66 1.88 -12.41 11.54
C ASP B 66 0.95 -11.18 11.43
N SER B 67 -0.37 -11.41 11.34
CA SER B 67 -1.45 -10.43 11.19
C SER B 67 -1.64 -9.55 12.44
N THR B 68 -1.05 -9.94 13.58
CA THR B 68 -1.14 -9.17 14.82
C THR B 68 -0.07 -8.04 14.83
N ALA B 69 0.85 -7.99 13.80
CA ALA B 69 1.87 -6.92 13.67
C ALA B 69 1.18 -5.57 13.78
N ALA B 70 1.62 -4.73 14.72
CA ALA B 70 0.90 -3.50 14.99
C ALA B 70 1.76 -2.36 15.44
N LEU B 71 1.09 -1.21 15.57
CA LEU B 71 1.63 0.02 16.09
C LEU B 71 0.67 0.53 17.17
N SER B 72 1.20 0.84 18.36
CA SER B 72 0.39 1.35 19.46
C SER B 72 0.77 2.78 19.82
N SER B 73 -0.23 3.58 20.24
CA SER B 73 -0.02 4.93 20.75
C SER B 73 -0.17 4.87 22.27
N LEU B 74 0.71 5.57 23.00
CA LEU B 74 0.65 5.54 24.46
C LEU B 74 0.78 6.93 25.04
N ALA B 75 0.08 7.19 26.15
CA ALA B 75 0.21 8.45 26.88
C ALA B 75 1.38 8.30 27.85
N PHE B 76 2.29 9.29 27.86
CA PHE B 76 3.45 9.24 28.74
C PHE B 76 3.45 10.37 29.77
N ASP B 77 3.72 10.01 31.04
CA ASP B 77 3.82 10.96 32.15
C ASP B 77 5.30 11.05 32.57
N ARG B 78 6.05 11.94 31.90
CA ARG B 78 7.50 12.17 32.07
C ARG B 78 7.91 12.42 33.53
N GLU B 79 6.99 12.95 34.32
CA GLU B 79 7.10 13.26 35.73
C GLU B 79 7.23 11.95 36.55
N THR B 80 6.29 10.99 36.35
CA THR B 80 6.22 9.71 37.08
C THR B 80 6.72 8.49 36.29
N GLY B 81 7.06 8.69 35.00
CA GLY B 81 7.50 7.63 34.10
C GLY B 81 6.43 6.61 33.75
N GLU B 82 5.18 6.93 34.06
CA GLU B 82 4.07 6.03 33.81
C GLU B 82 3.63 6.12 32.37
N LEU B 83 3.29 4.97 31.79
CA LEU B 83 2.78 4.83 30.42
C LEU B 83 1.40 4.23 30.43
N ARG B 84 0.51 4.76 29.57
CA ARG B 84 -0.87 4.26 29.45
C ARG B 84 -1.17 4.02 27.98
N LEU B 85 -1.59 2.79 27.67
CA LEU B 85 -1.96 2.38 26.32
C LEU B 85 -3.23 3.11 25.88
N LEU B 86 -3.17 3.81 24.71
CA LEU B 86 -4.33 4.54 24.20
C LEU B 86 -5.05 3.71 23.14
N ASN B 87 -4.36 3.37 22.00
CA ASN B 87 -4.94 2.55 20.93
C ASN B 87 -3.84 1.80 20.18
N THR B 88 -4.23 0.70 19.50
CA THR B 88 -3.40 -0.18 18.71
C THR B 88 -4.05 -0.37 17.35
N VAL B 89 -3.27 -0.22 16.28
CA VAL B 89 -3.78 -0.35 14.92
C VAL B 89 -2.86 -1.29 14.13
N PRO B 90 -3.38 -2.14 13.21
CA PRO B 90 -2.47 -3.04 12.45
C PRO B 90 -1.58 -2.25 11.51
N THR B 91 -0.37 -2.78 11.25
CA THR B 91 0.55 -2.15 10.30
C THR B 91 0.22 -2.61 8.88
N PHE B 92 -0.40 -3.83 8.74
CA PHE B 92 -0.69 -4.56 7.50
C PHE B 92 0.64 -5.05 6.85
N GLY B 93 1.69 -5.12 7.67
CA GLY B 93 3.04 -5.54 7.29
C GLY B 93 3.75 -6.17 8.47
N ALA B 94 4.17 -7.40 8.29
CA ALA B 94 4.80 -8.18 9.33
C ALA B 94 6.17 -7.58 9.74
N ASP B 95 6.51 -7.77 11.02
CA ASP B 95 7.71 -7.32 11.70
C ASP B 95 8.01 -5.80 11.56
N PRO B 96 7.10 -4.93 12.04
CA PRO B 96 7.43 -3.50 12.11
C PRO B 96 8.64 -3.37 13.06
N CYS B 97 9.77 -2.82 12.58
CA CYS B 97 11.04 -2.79 13.34
C CYS B 97 11.58 -1.36 13.59
N TYR B 98 10.86 -0.36 13.11
CA TYR B 98 11.30 1.03 13.20
C TYR B 98 10.08 1.90 13.13
N VAL B 99 10.12 2.99 13.89
CA VAL B 99 9.00 3.91 13.96
C VAL B 99 9.57 5.35 14.02
N ALA B 100 8.91 6.29 13.30
CA ALA B 100 9.26 7.72 13.31
C ALA B 100 7.97 8.56 13.30
N THR B 101 8.02 9.77 13.87
CA THR B 101 6.88 10.68 13.89
C THR B 101 7.36 12.12 13.68
N ASN B 102 6.53 12.93 13.01
CA ASN B 102 6.77 14.37 12.81
C ASN B 102 5.60 15.18 13.47
N GLY B 103 4.77 14.47 14.25
CA GLY B 103 3.63 15.07 14.93
C GLY B 103 2.35 15.14 14.12
N ARG B 104 2.40 14.88 12.81
CA ARG B 104 1.21 14.90 11.94
C ARG B 104 0.90 13.47 11.53
N GLU B 105 1.95 12.67 11.29
CA GLU B 105 1.85 11.25 10.92
C GLU B 105 2.92 10.44 11.63
N VAL B 106 2.73 9.11 11.65
CA VAL B 106 3.65 8.13 12.22
C VAL B 106 3.97 7.12 11.13
N LEU B 107 5.24 6.73 11.04
CA LEU B 107 5.73 5.77 10.03
C LEU B 107 6.25 4.53 10.69
N THR B 108 6.11 3.37 10.01
CA THR B 108 6.74 2.14 10.46
C THR B 108 7.45 1.52 9.29
N ALA B 109 8.60 0.88 9.57
CA ALA B 109 9.38 0.10 8.64
C ALA B 109 9.01 -1.33 8.91
N ASN B 110 8.32 -1.98 7.98
CA ASN B 110 7.90 -3.37 8.16
C ASN B 110 8.92 -4.27 7.49
N TYR B 111 9.78 -4.89 8.28
CA TYR B 111 10.88 -5.71 7.75
C TYR B 111 10.36 -6.89 6.93
N SER B 112 9.50 -7.72 7.54
CA SER B 112 8.96 -8.92 6.87
C SER B 112 7.85 -8.58 5.88
N GLY B 113 7.14 -7.49 6.12
CA GLY B 113 6.14 -7.00 5.17
C GLY B 113 6.79 -6.42 3.92
N GLY B 114 8.00 -5.84 4.08
CA GLY B 114 8.73 -5.22 2.98
C GLY B 114 8.10 -3.92 2.53
N THR B 115 7.43 -3.27 3.49
CA THR B 115 6.67 -2.05 3.27
C THR B 115 6.90 -1.00 4.35
N SER B 117 4.46 1.71 6.37
CA SER B 117 3.06 2.08 6.67
C SER B 117 3.01 3.54 7.12
N VAL B 118 1.98 4.29 6.69
CA VAL B 118 1.83 5.70 7.07
C VAL B 118 0.54 5.84 7.86
N PHE B 119 0.67 6.29 9.11
CA PHE B 119 -0.49 6.48 9.99
C PHE B 119 -0.72 7.95 10.30
N PRO B 120 -1.80 8.60 9.77
CA PRO B 120 -2.12 9.97 10.20
C PRO B 120 -2.43 9.96 11.70
N LEU B 121 -2.02 11.01 12.40
CA LEU B 121 -2.31 11.09 13.83
C LEU B 121 -3.66 11.75 14.04
N GLN B 122 -4.38 11.34 15.09
CA GLN B 122 -5.66 11.95 15.48
C GLN B 122 -5.34 13.13 16.40
N LYS B 123 -6.26 14.10 16.56
CA LYS B 123 -6.08 15.32 17.38
C LYS B 123 -5.72 15.01 18.83
N ASP B 124 -6.21 13.89 19.38
CA ASP B 124 -5.94 13.47 20.76
C ASP B 124 -4.60 12.73 20.86
N GLY B 125 -3.86 12.64 19.76
CA GLY B 125 -2.56 11.98 19.71
C GLY B 125 -2.60 10.48 19.44
N THR B 126 -3.81 9.88 19.34
CA THR B 126 -3.96 8.44 19.04
C THR B 126 -3.72 8.22 17.54
N LEU B 127 -3.56 6.96 17.13
CA LEU B 127 -3.33 6.63 15.74
C LEU B 127 -4.58 6.34 14.95
N ALA B 128 -4.67 6.94 13.77
CA ALA B 128 -5.70 6.59 12.81
C ALA B 128 -5.18 5.31 12.12
N PRO B 129 -6.00 4.48 11.46
CA PRO B 129 -5.44 3.28 10.81
C PRO B 129 -4.38 3.63 9.75
N ALA B 130 -3.57 2.62 9.33
CA ALA B 130 -2.54 2.86 8.29
C ALA B 130 -3.26 3.18 6.99
N ASP B 131 -3.14 4.42 6.56
CA ASP B 131 -3.84 4.92 5.39
C ASP B 131 -3.28 4.33 4.10
N THR B 132 -1.95 4.35 3.98
CA THR B 132 -1.25 3.86 2.80
C THR B 132 -0.04 3.11 3.26
N LEU B 133 0.33 2.07 2.50
CA LEU B 133 1.56 1.29 2.60
C LEU B 133 2.30 1.53 1.30
N PHE B 134 3.62 1.63 1.36
CA PHE B 134 4.50 1.80 0.18
C PHE B 134 5.35 0.57 0.05
N GLN B 135 5.45 0.01 -1.17
CA GLN B 135 6.13 -1.26 -1.41
C GLN B 135 7.64 -1.18 -1.71
N GLY B 136 8.42 -1.95 -0.98
CA GLY B 136 9.86 -2.10 -1.22
C GLY B 136 10.12 -3.23 -2.22
N SER B 137 11.38 -3.42 -2.67
CA SER B 137 11.76 -4.42 -3.66
C SER B 137 12.90 -5.35 -3.19
N ALA B 138 13.07 -6.51 -3.86
CA ALA B 138 14.09 -7.52 -3.62
C ALA B 138 14.89 -7.78 -4.91
N THR B 139 16.11 -7.23 -5.00
CA THR B 139 16.98 -7.37 -6.19
C THR B 139 18.43 -7.65 -5.78
N GLY B 140 18.71 -7.58 -4.47
CA GLY B 140 20.02 -7.82 -3.91
C GLY B 140 20.51 -9.24 -4.06
N PRO B 141 21.85 -9.46 -4.05
CA PRO B 141 22.38 -10.83 -4.27
C PRO B 141 22.40 -11.75 -3.02
N ASP B 142 22.09 -11.26 -1.79
CA ASP B 142 22.10 -12.14 -0.61
C ASP B 142 20.82 -13.01 -0.69
N ALA B 143 20.97 -14.31 -0.97
CA ALA B 143 19.85 -15.25 -1.11
C ALA B 143 19.05 -15.45 0.18
N ILE B 144 19.67 -15.24 1.35
CA ILE B 144 18.95 -15.43 2.61
C ILE B 144 18.36 -14.13 3.05
N ARG B 145 19.19 -13.07 3.14
CA ARG B 145 18.76 -11.81 3.69
C ARG B 145 18.04 -10.89 2.69
N GLN B 146 18.25 -11.04 1.38
CA GLN B 146 17.58 -10.12 0.42
C GLN B 146 16.60 -10.89 -0.51
N ALA B 147 16.07 -12.02 -0.03
CA ALA B 147 15.17 -12.92 -0.79
C ALA B 147 13.81 -12.27 -1.08
N THR B 148 13.26 -11.49 -0.11
CA THR B 148 11.98 -10.79 -0.22
C THR B 148 12.19 -9.35 0.19
N PRO B 149 11.29 -8.39 -0.19
CA PRO B 149 11.49 -6.99 0.23
C PRO B 149 11.55 -6.79 1.75
N HIS B 150 12.44 -5.91 2.21
CA HIS B 150 12.55 -5.59 3.62
C HIS B 150 12.72 -4.08 3.76
N ILE B 151 11.87 -3.39 4.53
CA ILE B 151 12.08 -1.94 4.79
C ILE B 151 12.63 -1.87 6.22
N HIS B 152 13.81 -1.24 6.42
CA HIS B 152 14.41 -1.28 7.75
C HIS B 152 14.44 0.06 8.51
N CYS B 153 14.12 1.17 7.83
CA CYS B 153 14.19 2.49 8.44
C CYS B 153 13.31 3.38 7.66
N THR B 154 12.62 4.29 8.36
CA THR B 154 11.70 5.29 7.78
C THR B 154 11.97 6.57 8.54
N VAL B 155 12.66 7.54 7.90
CA VAL B 155 13.08 8.79 8.56
C VAL B 155 12.58 10.02 7.82
N PHE B 156 12.26 11.09 8.58
CA PHE B 156 11.87 12.38 8.05
C PHE B 156 13.12 13.21 7.73
N SER B 157 13.15 13.87 6.56
CA SER B 157 14.29 14.73 6.25
C SER B 157 14.27 15.96 7.23
N PRO B 158 15.44 16.54 7.61
CA PRO B 158 15.43 17.66 8.58
C PRO B 158 14.83 18.96 8.08
N ASP B 159 14.64 19.12 6.77
CA ASP B 159 14.01 20.32 6.21
C ASP B 159 12.46 20.18 6.22
N GLY B 160 11.96 19.06 6.76
CA GLY B 160 10.53 18.75 6.85
C GLY B 160 9.78 18.56 5.55
N LYS B 161 10.50 18.22 4.46
CA LYS B 161 9.88 18.12 3.13
C LYS B 161 9.87 16.72 2.53
N TYR B 162 10.71 15.80 3.07
CA TYR B 162 10.83 14.47 2.51
C TYR B 162 10.86 13.39 3.57
N ILE B 163 10.68 12.16 3.11
CA ILE B 163 10.78 10.94 3.90
C ILE B 163 11.76 10.04 3.15
N PHE B 164 12.70 9.41 3.86
CA PHE B 164 13.60 8.43 3.27
C PHE B 164 13.37 7.12 3.96
N ALA B 165 13.45 6.02 3.18
CA ALA B 165 13.26 4.67 3.69
C ALA B 165 14.35 3.75 3.13
N THR B 166 14.90 2.87 3.98
CA THR B 166 15.94 1.98 3.50
C THR B 166 15.28 0.74 2.88
N ASP B 167 15.49 0.56 1.56
CA ASP B 167 15.00 -0.59 0.79
C ASP B 167 16.12 -1.64 0.86
N PHE B 168 16.20 -2.29 2.03
CA PHE B 168 17.24 -3.23 2.45
C PHE B 168 17.59 -4.31 1.41
N SER B 169 16.58 -4.92 0.77
CA SER B 169 16.78 -6.01 -0.18
C SER B 169 17.05 -5.53 -1.61
N ALA B 170 17.01 -4.21 -1.86
CA ALA B 170 17.24 -3.67 -3.21
C ALA B 170 18.42 -2.70 -3.22
N ASP B 171 19.18 -2.65 -2.10
CA ASP B 171 20.40 -1.83 -1.95
C ASP B 171 20.19 -0.38 -2.46
N ARG B 172 19.17 0.28 -1.93
CA ARG B 172 18.84 1.64 -2.33
C ARG B 172 18.07 2.35 -1.22
N ILE B 173 17.94 3.65 -1.37
CA ILE B 173 17.19 4.46 -0.43
C ILE B 173 16.01 5.04 -1.19
N LEU B 174 14.81 4.80 -0.69
CA LEU B 174 13.59 5.32 -1.29
C LEU B 174 13.34 6.75 -0.78
N ARG B 175 12.80 7.62 -1.64
CA ARG B 175 12.46 8.98 -1.31
C ARG B 175 10.97 9.22 -1.55
N PHE B 176 10.32 9.87 -0.60
CA PHE B 176 8.90 10.25 -0.61
C PHE B 176 8.81 11.76 -0.43
N VAL B 177 8.03 12.43 -1.29
CA VAL B 177 7.84 13.88 -1.23
C VAL B 177 6.61 14.16 -0.36
N HIS B 179 3.52 16.32 1.39
CA HIS B 179 2.54 17.33 0.98
C HIS B 179 2.30 18.33 2.15
N PRO B 180 2.15 19.67 1.89
CA PRO B 180 1.92 20.59 3.02
C PRO B 180 0.60 20.38 3.78
N ASP B 181 -0.41 19.80 3.10
CA ASP B 181 -1.73 19.59 3.70
C ASP B 181 -2.02 18.12 3.97
N ASN B 182 -1.66 17.24 3.04
CA ASN B 182 -1.94 15.82 3.14
C ASN B 182 -0.88 15.06 3.96
N PRO B 183 -1.29 14.26 4.98
CA PRO B 183 -0.31 13.46 5.76
C PRO B 183 0.32 12.30 4.97
N ILE B 184 -0.16 12.04 3.75
CA ILE B 184 0.33 10.94 2.93
C ILE B 184 1.27 11.49 1.86
N PRO B 185 2.50 10.95 1.78
CA PRO B 185 3.45 11.49 0.79
C PRO B 185 3.30 10.90 -0.61
N HIS B 186 3.99 11.52 -1.56
CA HIS B 186 4.07 11.09 -2.96
C HIS B 186 5.38 10.32 -3.16
N ALA B 187 5.30 9.10 -3.69
CA ALA B 187 6.51 8.30 -3.93
C ALA B 187 7.28 8.82 -5.13
N SER B 188 8.59 9.14 -4.94
CA SER B 188 9.43 9.62 -6.04
CA SER B 188 9.45 9.61 -6.02
C SER B 188 9.68 8.49 -7.04
N LEU B 189 9.88 8.83 -8.32
CA LEU B 189 10.13 7.83 -9.36
C LEU B 189 11.56 7.27 -9.29
N GLU B 190 12.50 8.02 -8.67
CA GLU B 190 13.89 7.59 -8.54
C GLU B 190 14.30 7.42 -7.08
N ALA B 191 15.08 6.37 -6.83
CA ALA B 191 15.69 5.97 -5.57
C ALA B 191 17.18 6.23 -5.64
N VAL B 192 17.87 6.24 -4.49
CA VAL B 192 19.32 6.47 -4.45
C VAL B 192 20.00 5.12 -4.29
N GLY B 193 20.63 4.66 -5.37
CA GLY B 193 21.30 3.37 -5.37
C GLY B 193 22.64 3.34 -4.66
N ILE B 194 22.92 2.23 -4.00
CA ILE B 194 24.20 1.98 -3.34
C ILE B 194 24.74 0.63 -3.84
N GLU B 195 26.01 0.32 -3.57
CA GLU B 195 26.67 -0.93 -3.98
C GLU B 195 25.82 -2.15 -3.65
N ALA B 196 25.84 -3.15 -4.54
CA ALA B 196 25.16 -4.42 -4.35
C ALA B 196 25.69 -5.11 -3.09
N ASP B 197 24.82 -5.87 -2.39
CA ASP B 197 25.13 -6.64 -1.17
C ASP B 197 25.42 -5.72 0.00
N SER B 198 24.77 -4.54 0.04
CA SER B 198 24.97 -3.61 1.14
C SER B 198 24.03 -3.91 2.29
N GLY B 199 22.73 -4.05 1.97
CA GLY B 199 21.67 -4.20 2.97
C GLY B 199 21.52 -2.93 3.79
N PRO B 200 21.12 -1.78 3.16
CA PRO B 200 21.00 -0.51 3.94
C PRO B 200 20.06 -0.68 5.13
N ARG B 201 20.57 -0.34 6.33
CA ARG B 201 19.76 -0.60 7.52
C ARG B 201 19.18 0.69 8.10
N HIS B 202 19.98 1.46 8.82
CA HIS B 202 19.49 2.70 9.42
C HIS B 202 20.16 3.89 8.78
N LEU B 203 19.39 4.97 8.67
CA LEU B 203 19.86 6.24 8.13
C LEU B 203 19.66 7.33 9.18
N THR B 204 20.66 8.22 9.31
CA THR B 204 20.56 9.35 10.24
C THR B 204 21.10 10.61 9.55
N PHE B 205 20.55 11.78 9.94
CA PHE B 205 21.03 13.06 9.43
C PHE B 205 21.92 13.71 10.46
N SER B 206 22.93 14.45 9.99
CA SER B 206 23.84 15.19 10.88
C SER B 206 23.08 16.28 11.61
N PRO B 207 23.48 16.71 12.83
CA PRO B 207 22.76 17.81 13.51
C PRO B 207 22.56 19.08 12.66
N ASN B 208 23.52 19.42 11.75
CA ASN B 208 23.37 20.65 10.94
C ASN B 208 22.45 20.42 9.70
N GLY B 209 21.98 19.19 9.52
CA GLY B 209 21.09 18.80 8.42
C GLY B 209 21.69 18.88 7.02
N LYS B 210 23.03 18.97 6.89
CA LYS B 210 23.70 19.05 5.58
C LYS B 210 24.25 17.70 5.14
N PHE B 211 24.24 16.71 6.03
CA PHE B 211 24.74 15.39 5.74
C PHE B 211 23.83 14.31 6.29
N ALA B 212 23.92 13.10 5.71
CA ALA B 212 23.20 11.90 6.14
C ALA B 212 24.15 10.74 6.09
N TYR B 213 24.00 9.82 7.04
CA TYR B 213 24.87 8.66 7.19
C TYR B 213 24.09 7.41 7.31
N LEU B 214 24.49 6.41 6.54
CA LEU B 214 23.86 5.10 6.47
C LEU B 214 24.75 4.01 7.00
N ILE B 215 24.19 3.12 7.80
CA ILE B 215 24.94 1.92 8.24
C ILE B 215 24.34 0.75 7.39
N THR B 216 25.21 -0.06 6.78
CA THR B 216 24.78 -1.17 5.96
C THR B 216 25.01 -2.42 6.76
N GLU B 217 23.97 -3.25 6.89
CA GLU B 217 24.02 -4.48 7.68
C GLU B 217 24.93 -5.53 7.06
N LEU B 218 24.81 -5.76 5.76
CA LEU B 218 25.53 -6.86 5.13
C LEU B 218 27.00 -6.53 4.80
N SER B 219 27.26 -5.36 4.20
CA SER B 219 28.63 -4.94 3.84
C SER B 219 29.36 -4.30 5.02
N GLY B 220 28.65 -4.05 6.13
CA GLY B 220 29.24 -3.50 7.35
C GLY B 220 29.95 -2.17 7.12
N LYS B 221 29.31 -1.29 6.35
CA LYS B 221 29.87 -0.02 5.99
C LYS B 221 29.07 1.12 6.53
N VAL B 222 29.73 2.27 6.67
CA VAL B 222 29.05 3.53 6.90
C VAL B 222 29.14 4.27 5.56
N ILE B 223 27.99 4.69 5.00
CA ILE B 223 27.98 5.45 3.76
C ILE B 223 27.56 6.87 4.11
N ALA B 224 28.44 7.82 3.74
CA ALA B 224 28.24 9.24 3.99
C ALA B 224 27.65 9.90 2.76
N PHE B 225 26.69 10.78 2.98
CA PHE B 225 26.02 11.51 1.91
C PHE B 225 25.95 12.96 2.22
N SER B 226 26.10 13.81 1.20
CA SER B 226 25.77 15.22 1.36
C SER B 226 24.23 15.28 1.20
N TYR B 227 23.57 16.18 1.88
CA TYR B 227 22.12 16.27 1.79
C TYR B 227 21.70 17.68 1.51
N ASP B 228 20.84 17.87 0.49
CA ASP B 228 20.28 19.17 0.17
C ASP B 228 18.96 19.02 -0.56
N ASP B 229 17.88 19.55 0.05
CA ASP B 229 16.51 19.62 -0.47
C ASP B 229 16.07 18.34 -1.22
N GLY B 230 16.06 17.23 -0.50
CA GLY B 230 15.64 15.94 -1.02
C GLY B 230 16.67 15.18 -1.82
N CYS B 231 17.85 15.76 -1.99
CA CYS B 231 18.89 15.12 -2.78
C CYS B 231 19.98 14.56 -1.88
N LEU B 232 20.18 13.24 -1.94
CA LEU B 232 21.25 12.51 -1.26
C LEU B 232 22.35 12.21 -2.27
N GLU B 233 23.58 12.64 -1.99
CA GLU B 233 24.69 12.36 -2.88
C GLU B 233 25.80 11.68 -2.08
N GLN B 234 26.17 10.46 -2.50
CA GLN B 234 27.22 9.70 -1.83
C GLN B 234 28.56 10.43 -1.95
N ILE B 235 29.24 10.64 -0.81
CA ILE B 235 30.55 11.29 -0.80
C ILE B 235 31.64 10.30 -0.36
N GLN B 236 31.29 9.24 0.39
CA GLN B 236 32.28 8.31 0.91
C GLN B 236 31.66 7.05 1.49
N THR B 237 32.41 5.96 1.41
CA THR B 237 32.13 4.66 2.02
C THR B 237 33.34 4.36 2.97
N ILE B 238 33.05 3.89 4.19
CA ILE B 238 34.06 3.57 5.18
C ILE B 238 33.62 2.29 5.92
N THR B 239 34.58 1.40 6.23
CA THR B 239 34.30 0.16 6.95
C THR B 239 34.00 0.45 8.40
N ALA B 240 32.91 -0.11 8.89
CA ALA B 240 32.51 -0.05 10.30
C ALA B 240 32.80 -1.40 10.95
N ASP B 241 32.63 -2.52 10.18
CA ASP B 241 32.86 -3.89 10.63
C ASP B 241 34.02 -4.51 9.85
N THR B 242 35.22 -4.54 10.47
CA THR B 242 36.44 -5.09 9.85
C THR B 242 36.45 -6.64 9.71
N VAL B 243 35.64 -7.38 10.50
CA VAL B 243 35.59 -8.85 10.39
C VAL B 243 34.47 -9.31 9.43
N ALA B 244 33.74 -8.35 8.81
CA ALA B 244 32.65 -8.57 7.84
C ALA B 244 31.68 -9.68 8.30
N ALA B 245 31.17 -9.52 9.53
CA ALA B 245 30.25 -10.46 10.18
C ALA B 245 28.84 -10.41 9.60
N ARG B 246 28.54 -9.42 8.73
CA ARG B 246 27.25 -9.19 8.07
C ARG B 246 26.13 -8.97 9.13
N GLY B 247 26.45 -8.21 10.17
CA GLY B 247 25.53 -7.97 11.28
C GLY B 247 25.57 -6.59 11.90
N SER B 248 25.89 -5.57 11.09
CA SER B 248 25.93 -4.19 11.56
C SER B 248 24.53 -3.73 11.91
N ALA B 249 24.40 -2.72 12.80
CA ALA B 249 23.08 -2.38 13.30
C ALA B 249 22.71 -0.90 13.33
N ASP B 250 23.22 -0.13 14.32
CA ASP B 250 22.78 1.22 14.59
C ASP B 250 23.85 2.28 14.31
N ILE B 251 23.39 3.54 14.14
CA ILE B 251 24.24 4.66 13.76
C ILE B 251 23.70 5.96 14.37
N HIS B 252 24.57 6.72 15.02
CA HIS B 252 24.23 8.02 15.64
C HIS B 252 25.45 8.90 15.63
N LEU B 253 25.21 10.20 15.50
CA LEU B 253 26.24 11.21 15.65
C LEU B 253 26.08 11.82 17.02
N SER B 254 27.16 12.33 17.60
CA SER B 254 27.08 13.08 18.85
C SER B 254 26.35 14.40 18.52
N PRO B 255 25.57 15.00 19.46
CA PRO B 255 24.78 16.19 19.11
C PRO B 255 25.59 17.40 18.61
N ASP B 256 26.92 17.43 18.82
CA ASP B 256 27.77 18.52 18.28
C ASP B 256 28.17 18.22 16.81
N GLY B 257 27.82 17.01 16.33
CA GLY B 257 28.09 16.52 14.97
C GLY B 257 29.54 16.18 14.69
N LYS B 258 30.40 16.11 15.73
CA LYS B 258 31.84 15.85 15.58
C LYS B 258 32.20 14.39 15.47
N TYR B 259 31.40 13.51 16.05
CA TYR B 259 31.70 12.09 16.04
C TYR B 259 30.54 11.28 15.59
N LEU B 260 30.82 10.14 14.92
CA LEU B 260 29.82 9.21 14.43
C LEU B 260 30.10 7.83 15.03
N TYR B 261 29.03 7.16 15.44
CA TYR B 261 29.10 5.86 16.07
C TYR B 261 28.25 4.86 15.29
N ALA B 262 28.82 3.68 15.03
CA ALA B 262 28.18 2.62 14.30
C ALA B 262 28.42 1.32 15.04
N SER B 263 27.34 0.56 15.31
CA SER B 263 27.42 -0.67 16.09
C SER B 263 27.41 -1.93 15.21
N ASN B 264 28.11 -2.97 15.67
CA ASN B 264 28.30 -4.25 15.00
C ASN B 264 27.92 -5.40 15.94
N ARG B 265 27.28 -6.43 15.39
CA ARG B 265 26.81 -7.63 16.10
C ARG B 265 27.46 -8.88 15.52
N LEU B 266 27.09 -10.05 16.06
CA LEU B 266 27.46 -11.42 15.66
C LEU B 266 28.92 -11.78 15.99
N LYS B 267 29.89 -10.96 15.59
CA LYS B 267 31.32 -11.18 15.84
C LYS B 267 31.98 -9.88 16.28
N GLU B 268 32.78 -9.91 17.37
CA GLU B 268 33.51 -8.75 17.91
C GLU B 268 32.56 -7.58 18.21
N ASP B 269 31.39 -7.89 18.82
CA ASP B 269 30.32 -6.95 19.14
C ASP B 269 30.87 -5.66 19.70
N GLY B 270 30.50 -4.54 19.10
CA GLY B 270 30.98 -3.24 19.55
C GLY B 270 30.59 -2.07 18.70
N ILE B 271 31.22 -0.93 18.98
CA ILE B 271 30.90 0.32 18.33
C ILE B 271 32.15 0.91 17.71
N ALA B 272 32.07 1.18 16.40
CA ALA B 272 33.13 1.84 15.63
C ALA B 272 32.97 3.35 15.83
N ILE B 273 34.06 4.05 16.11
CA ILE B 273 34.02 5.48 16.37
C ILE B 273 34.77 6.22 15.25
N PHE B 274 34.12 7.24 14.69
CA PHE B 274 34.67 8.05 13.61
C PHE B 274 34.60 9.53 13.92
N ALA B 275 35.66 10.29 13.56
CA ALA B 275 35.63 11.74 13.62
C ALA B 275 34.97 12.23 12.33
N VAL B 276 34.10 13.22 12.43
CA VAL B 276 33.37 13.75 11.29
C VAL B 276 34.01 15.06 10.88
N ASN B 277 34.30 15.24 9.59
CA ASN B 277 34.89 16.50 9.13
C ASN B 277 33.82 17.60 9.13
N PRO B 278 34.06 18.76 9.82
CA PRO B 278 33.02 19.82 9.88
C PRO B 278 32.59 20.39 8.52
N GLU B 279 33.56 20.70 7.61
CA GLU B 279 33.23 21.29 6.32
C GLU B 279 32.75 20.31 5.24
N ASN B 280 33.34 19.09 5.15
CA ASN B 280 32.94 18.21 4.04
C ASN B 280 32.21 16.90 4.45
N GLY B 281 32.03 16.68 5.75
CA GLY B 281 31.31 15.52 6.27
C GLY B 281 31.95 14.15 6.11
N THR B 282 33.25 14.09 5.73
CA THR B 282 33.97 12.81 5.58
C THR B 282 34.31 12.23 6.95
N LEU B 283 34.62 10.94 6.98
CA LEU B 283 34.88 10.16 8.19
C LEU B 283 36.26 9.51 8.19
N ALA B 284 36.80 9.35 9.41
CA ALA B 284 38.05 8.65 9.70
C ALA B 284 37.94 8.03 11.06
N LYS B 285 38.33 6.76 11.19
CA LYS B 285 38.25 5.97 12.42
C LYS B 285 39.15 6.52 13.55
N VAL B 286 38.61 6.70 14.78
CA VAL B 286 39.38 7.17 15.95
C VAL B 286 39.53 6.03 16.96
N GLY B 287 38.65 5.03 16.86
CA GLY B 287 38.72 3.88 17.74
C GLY B 287 37.58 2.91 17.60
N TYR B 288 37.54 1.95 18.51
CA TYR B 288 36.54 0.91 18.53
C TYR B 288 36.24 0.56 19.95
N GLN B 289 34.95 0.44 20.30
CA GLN B 289 34.54 0.07 21.64
C GLN B 289 33.85 -1.30 21.66
N PRO B 290 34.53 -2.37 22.15
CA PRO B 290 33.84 -3.66 22.35
C PRO B 290 32.75 -3.51 23.42
N THR B 291 31.56 -4.08 23.18
CA THR B 291 30.41 -3.93 24.08
C THR B 291 29.91 -5.29 24.51
N GLY B 292 28.76 -5.32 25.20
CA GLY B 292 28.06 -6.56 25.52
C GLY B 292 27.54 -7.17 24.23
N ILE B 293 27.05 -8.40 24.29
CA ILE B 293 26.59 -9.12 23.09
C ILE B 293 25.28 -8.57 22.51
N HIS B 294 25.32 -8.35 21.16
CA HIS B 294 24.24 -7.93 20.27
C HIS B 294 23.81 -6.44 20.49
N PRO B 295 24.70 -5.44 20.23
CA PRO B 295 24.28 -4.03 20.37
C PRO B 295 23.49 -3.56 19.13
N ARG B 296 22.21 -4.00 19.06
CA ARG B 296 21.27 -3.69 17.99
C ARG B 296 20.87 -2.21 17.95
N ASN B 297 20.93 -1.55 19.12
CA ASN B 297 20.54 -0.16 19.29
C ASN B 297 21.33 0.49 20.38
N PHE B 298 21.55 1.79 20.22
CA PHE B 298 22.22 2.62 21.19
C PHE B 298 21.74 4.04 20.98
N ASN B 299 21.98 4.90 21.95
CA ASN B 299 21.61 6.31 21.86
C ASN B 299 22.62 7.13 22.70
N ILE B 300 22.72 8.41 22.40
CA ILE B 300 23.59 9.35 23.09
C ILE B 300 22.68 10.37 23.76
N THR B 301 22.98 10.73 25.03
CA THR B 301 22.19 11.71 25.79
C THR B 301 22.20 13.10 25.09
N PRO B 302 21.13 13.92 25.26
CA PRO B 302 21.10 15.25 24.61
C PRO B 302 22.32 16.14 24.86
N ASN B 303 22.94 16.09 26.05
CA ASN B 303 24.14 16.87 26.37
C ASN B 303 25.42 16.25 25.76
N GLY B 304 25.30 15.09 25.11
CA GLY B 304 26.39 14.38 24.48
C GLY B 304 27.40 13.71 25.40
N LYS B 305 27.13 13.64 26.72
CA LYS B 305 28.12 13.11 27.68
C LYS B 305 28.07 11.58 27.82
N TYR B 306 26.93 10.96 27.53
CA TYR B 306 26.83 9.51 27.70
C TYR B 306 26.28 8.83 26.48
N LEU B 307 26.81 7.63 26.23
CA LEU B 307 26.36 6.75 25.17
C LEU B 307 25.82 5.50 25.86
N LEU B 308 24.57 5.16 25.57
CA LEU B 308 23.93 4.01 26.17
C LEU B 308 23.75 2.93 25.11
N ALA B 309 24.39 1.77 25.33
CA ALA B 309 24.35 0.67 24.36
C ALA B 309 23.45 -0.50 24.85
N ALA B 310 22.33 -0.72 24.15
CA ALA B 310 21.43 -1.82 24.45
C ALA B 310 22.00 -3.10 23.83
N CYS B 311 22.42 -4.05 24.71
CA CYS B 311 23.03 -5.33 24.33
C CYS B 311 22.01 -6.40 24.61
N ARG B 312 21.27 -6.78 23.56
CA ARG B 312 20.13 -7.69 23.60
C ARG B 312 20.45 -9.03 24.27
N ASP B 313 21.59 -9.66 23.92
CA ASP B 313 21.95 -10.98 24.45
C ASP B 313 22.71 -10.92 25.78
N SER B 314 23.21 -9.72 26.17
CA SER B 314 23.90 -9.56 27.45
C SER B 314 22.91 -9.12 28.54
N ASN B 315 21.66 -8.81 28.10
CA ASN B 315 20.52 -8.36 28.89
C ASN B 315 20.89 -7.15 29.73
N VAL B 316 21.57 -6.17 29.09
CA VAL B 316 22.02 -4.94 29.75
C VAL B 316 22.07 -3.76 28.83
N ILE B 317 21.89 -2.57 29.41
CA ILE B 317 22.15 -1.32 28.71
C ILE B 317 23.45 -0.82 29.33
N GLN B 318 24.55 -0.83 28.57
CA GLN B 318 25.84 -0.38 29.10
C GLN B 318 25.91 1.12 29.01
N VAL B 319 26.41 1.77 30.07
CA VAL B 319 26.49 3.21 30.18
C VAL B 319 27.95 3.63 29.96
N TYR B 320 28.21 4.29 28.83
CA TYR B 320 29.54 4.76 28.46
C TYR B 320 29.66 6.24 28.59
N LYS B 321 30.74 6.72 29.21
CA LYS B 321 31.02 8.15 29.29
C LYS B 321 31.70 8.54 27.99
N ARG B 322 31.19 9.58 27.32
CA ARG B 322 31.73 10.08 26.05
C ARG B 322 32.69 11.20 26.28
N ASN B 323 33.89 11.11 25.71
CA ASN B 323 34.89 12.19 25.78
C ASN B 323 34.55 13.12 24.62
N GLU B 324 34.16 14.37 24.95
CA GLU B 324 33.72 15.36 23.95
C GLU B 324 34.81 15.71 22.97
N VAL B 325 36.08 15.66 23.42
CA VAL B 325 37.26 16.02 22.64
C VAL B 325 37.73 14.86 21.76
N THR B 326 37.88 13.64 22.31
CA THR B 326 38.42 12.51 21.53
C THR B 326 37.35 11.62 20.88
N GLY B 327 36.11 11.67 21.37
CA GLY B 327 35.02 10.84 20.87
C GLY B 327 35.00 9.44 21.43
N LEU B 328 36.04 9.09 22.19
CA LEU B 328 36.23 7.76 22.76
C LEU B 328 35.33 7.51 23.94
N LEU B 329 35.09 6.23 24.22
CA LEU B 329 34.16 5.81 25.26
C LEU B 329 34.83 5.11 26.41
N GLU B 330 34.28 5.35 27.60
CA GLU B 330 34.72 4.75 28.85
C GLU B 330 33.53 4.13 29.56
N ASP B 331 33.54 2.79 29.71
CA ASP B 331 32.47 2.09 30.42
C ASP B 331 32.49 2.53 31.88
N THR B 332 31.37 3.04 32.37
CA THR B 332 31.23 3.50 33.75
C THR B 332 30.91 2.32 34.65
N HIS B 333 30.52 1.17 34.06
CA HIS B 333 30.13 -0.08 34.73
C HIS B 333 28.91 0.15 35.63
N GLN B 334 27.95 0.94 35.12
CA GLN B 334 26.66 1.29 35.74
C GLN B 334 25.54 0.69 34.85
N ASP B 335 25.67 -0.63 34.57
CA ASP B 335 24.80 -1.41 33.69
C ASP B 335 23.34 -1.44 34.13
N ILE B 336 22.45 -1.13 33.19
CA ILE B 336 21.00 -1.17 33.42
C ILE B 336 20.51 -2.56 32.97
N VAL B 337 20.11 -3.40 33.93
CA VAL B 337 19.66 -4.78 33.68
C VAL B 337 18.23 -4.80 33.19
N VAL B 338 18.05 -5.25 31.95
CA VAL B 338 16.76 -5.37 31.25
C VAL B 338 16.84 -6.63 30.38
N ASP B 339 15.77 -7.41 30.29
CA ASP B 339 15.76 -8.60 29.45
C ASP B 339 15.56 -8.21 27.96
N PRO B 341 17.08 -5.80 25.82
CA PRO B 341 16.84 -4.40 25.46
C PRO B 341 17.23 -4.19 23.99
N VAL B 342 16.38 -3.50 23.20
CA VAL B 342 16.67 -3.32 21.78
C VAL B 342 16.35 -1.89 21.28
N CYS B 343 15.97 -0.96 22.17
CA CYS B 343 15.68 0.44 21.82
C CYS B 343 15.86 1.33 23.04
N VAL B 344 16.60 2.43 22.89
CA VAL B 344 16.88 3.41 23.93
C VAL B 344 16.39 4.77 23.42
N GLN B 345 15.44 5.40 24.11
CA GLN B 345 14.91 6.71 23.74
C GLN B 345 14.90 7.64 24.93
N PHE B 346 15.19 8.93 24.72
CA PHE B 346 15.18 9.91 25.81
C PHE B 346 14.09 10.94 25.63
N VAL B 347 13.57 11.46 26.78
CA VAL B 347 12.59 12.53 26.87
C VAL B 347 13.17 13.58 27.83
#